data_9OAR
#
_entry.id   9OAR
#
_cell.length_a   49.216
_cell.length_b   65.929
_cell.length_c   122.098
_cell.angle_alpha   89.903
_cell.angle_beta   96.930
_cell.angle_gamma   90.031
#
_symmetry.space_group_name_H-M   'P 1'
#
loop_
_entity.id
_entity.type
_entity.pdbx_description
1 polymer 'Germline-targeting HIV-1 gp120 engineered outer domain eOD-GT8-mingly'
2 polymer 'G001-179 Fab heavy chain'
3 polymer 'G001-179 Fab light chain'
4 non-polymer 2-acetamido-2-deoxy-beta-D-glucopyranose
5 water water
#
loop_
_entity_poly.entity_id
_entity_poly.type
_entity_poly.pdbx_seq_one_letter_code
_entity_poly.pdbx_strand_id
1 'polypeptide(L)'
;ETGDTITLPCRPAPPPHCSSNITGLILTRQGGYSNANTVIFRPSGGDWRDIARCQIAGTVVSTQLFLNGSLAEEEVVIRS
EDWRDNAKSICVQLATSVEIACTGAGHCAISRAKWANTLKQIASKLREQYGAKTIIFKPSSGGDPEFVNHSFNCGGEFFY
CASTQLFASTWFASTGTHHHHHH
;
C,A
2 'polypeptide(L)'
;QVQLVQSGADVKKPGASVKVSCKASGYTFTDYYMHWVRQAPGQGLEWMGWINPNSGGTNYAQKFQDRVTMTRDTSVSTAY
MEVSGLRSDDTAVYYCARIKLCNGGSCNWSLGYWGQGSLVTVSSASTKGPSVFPLAPSSKSTSGGTAALGCLVKDYFPEP
VTVSWNSGALTSGVHTFPAVLQSSGLYSLSSVVTVPSSSLGTQTYICNVNHKPSNTKVDKKVEPKSC
;
H,B
3 'polypeptide(L)'
;DIQMTQSPSSLSASVGDRVTITCQASQDISNYLNWYQQKPGKAPKLLIYGASNLETGVPSRFSGSGSGTDFTFTISSLQP
EDIATYYCQQYEFFGPGTKVDIKRTVAAPSVFIFPPSDEQLKSGTASVVCLLNNFYPREAKVQWKVDNALQSGNSQESVT
EQDSKDSTYSLSSTLTLSKADYEKHKVYACEVTHQGLSSPVTKSFNRGEC
;
L,D
#
loop_
_chem_comp.id
_chem_comp.type
_chem_comp.name
_chem_comp.formula
NAG D-saccharide, beta linking 2-acetamido-2-deoxy-beta-D-glucopyranose 'C8 H15 N O6'
#
# COMPACT_ATOMS: atom_id res chain seq x y z
N ASP A 4 -3.14 20.73 11.91
CA ASP A 4 -1.73 20.84 11.55
C ASP A 4 -0.95 19.66 12.08
N THR A 5 -1.26 19.22 13.30
CA THR A 5 -0.66 18.01 13.86
C THR A 5 -1.75 17.14 14.44
N ILE A 6 -1.42 15.86 14.58
CA ILE A 6 -2.24 14.86 15.26
C ILE A 6 -1.58 14.56 16.59
N THR A 7 -2.36 14.55 17.65
CA THR A 7 -1.82 14.41 19.01
C THR A 7 -2.17 13.03 19.57
N LEU A 8 -1.17 12.39 20.17
CA LEU A 8 -1.32 11.09 20.81
C LEU A 8 -1.11 11.21 22.31
N PRO A 9 -2.15 11.00 23.12
CA PRO A 9 -1.99 11.06 24.58
C PRO A 9 -1.18 9.87 25.09
N CYS A 10 -0.07 10.15 25.74
CA CYS A 10 0.80 9.11 26.25
C CYS A 10 0.82 9.16 27.78
N ARG A 11 1.15 8.02 28.39
CA ARG A 11 1.45 7.81 29.80
C ARG A 11 2.48 6.69 29.92
N PRO A 12 3.66 6.92 30.53
CA PRO A 12 4.17 8.18 31.10
C PRO A 12 4.55 9.18 30.03
N ALA A 13 5.15 10.30 30.42
CA ALA A 13 5.50 11.40 29.54
C ALA A 13 6.84 11.16 28.85
N PRO A 14 6.84 10.88 27.56
CA PRO A 14 8.10 10.64 26.87
C PRO A 14 8.85 11.94 26.61
N PRO A 15 10.12 12.00 26.98
CA PRO A 15 10.91 13.21 26.77
C PRO A 15 11.16 13.46 25.30
N PRO A 16 11.68 14.65 24.95
CA PRO A 16 11.93 14.94 23.53
C PRO A 16 12.96 14.06 22.86
N HIS A 17 13.97 13.54 23.56
CA HIS A 17 14.93 12.69 22.86
C HIS A 17 14.35 11.32 22.54
N CYS A 18 13.09 11.08 22.88
CA CYS A 18 12.38 9.88 22.47
C CYS A 18 11.73 10.04 21.12
N SER A 19 11.90 11.20 20.48
CA SER A 19 11.28 11.42 19.17
C SER A 19 11.87 10.47 18.14
N SER A 20 11.00 9.89 17.32
CA SER A 20 11.40 8.84 16.39
C SER A 20 10.79 9.12 15.03
N ASN A 21 11.13 8.26 14.08
CA ASN A 21 10.58 8.29 12.73
C ASN A 21 9.70 7.06 12.55
N ILE A 22 8.43 7.28 12.24
CA ILE A 22 7.53 6.18 11.97
C ILE A 22 7.90 5.59 10.62
N THR A 23 8.29 4.31 10.62
CA THR A 23 8.69 3.62 9.41
C THR A 23 7.70 2.57 8.94
N GLY A 24 6.66 2.29 9.70
CA GLY A 24 5.62 1.39 9.25
C GLY A 24 4.64 1.12 10.36
N LEU A 25 3.66 0.28 10.05
CA LEU A 25 2.63 -0.08 11.00
C LEU A 25 2.07 -1.45 10.63
N ILE A 26 1.18 -1.95 11.46
CA ILE A 26 0.60 -3.28 11.30
C ILE A 26 -0.90 -3.22 11.56
N LEU A 27 -1.68 -3.81 10.66
CA LEU A 27 -3.12 -3.63 10.59
C LEU A 27 -3.83 -4.97 10.69
N THR A 28 -5.14 -4.89 10.88
CA THR A 28 -6.05 -6.02 10.85
C THR A 28 -7.27 -5.62 10.03
N ARG A 29 -7.61 -6.40 9.02
CA ARG A 29 -8.78 -6.13 8.19
C ARG A 29 -10.02 -6.69 8.86
N GLN A 30 -11.06 -5.87 8.95
CA GLN A 30 -12.27 -6.31 9.63
C GLN A 30 -13.05 -7.29 8.76
N GLY A 31 -13.50 -8.38 9.37
CA GLY A 31 -14.17 -9.44 8.65
C GLY A 31 -15.68 -9.24 8.57
N GLY A 32 -16.34 -10.25 8.03
CA GLY A 32 -17.78 -10.27 7.88
C GLY A 32 -18.24 -9.67 6.56
N TYR A 33 -19.53 -9.83 6.29
CA TYR A 33 -20.14 -9.23 5.12
C TYR A 33 -20.18 -7.72 5.27
N SER A 34 -20.00 -7.02 4.15
CA SER A 34 -19.84 -5.57 4.17
C SER A 34 -21.10 -4.79 3.83
N ASN A 35 -22.03 -5.36 3.06
CA ASN A 35 -23.25 -4.68 2.60
C ASN A 35 -22.96 -3.27 2.06
N ALA A 36 -21.75 -3.06 1.53
CA ALA A 36 -21.28 -1.80 1.01
C ALA A 36 -19.92 -2.06 0.36
N ASN A 37 -19.49 -1.12 -0.47
CA ASN A 37 -18.25 -1.33 -1.23
C ASN A 37 -17.04 -0.81 -0.47
N THR A 38 -16.94 -1.14 0.82
CA THR A 38 -15.90 -0.62 1.68
C THR A 38 -15.13 -1.76 2.34
N VAL A 39 -13.88 -1.47 2.73
CA VAL A 39 -13.05 -2.40 3.49
C VAL A 39 -12.46 -1.64 4.67
N ILE A 40 -12.61 -2.18 5.87
CA ILE A 40 -12.27 -1.51 7.13
C ILE A 40 -10.99 -2.10 7.70
N PHE A 41 -10.08 -1.24 8.13
CA PHE A 41 -8.81 -1.65 8.70
C PHE A 41 -8.61 -0.96 10.04
N ARG A 42 -8.02 -1.68 10.99
CA ARG A 42 -7.78 -1.21 12.35
C ARG A 42 -6.37 -1.61 12.75
N PRO A 43 -5.80 -1.05 13.81
CA PRO A 43 -4.52 -1.57 14.29
C PRO A 43 -4.65 -3.04 14.66
N SER A 44 -3.53 -3.76 14.52
CA SER A 44 -3.51 -5.21 14.57
C SER A 44 -4.14 -5.75 15.84
N GLY A 45 -4.99 -6.77 15.68
CA GLY A 45 -5.53 -7.50 16.81
C GLY A 45 -4.66 -8.64 17.27
N GLY A 46 -3.45 -8.77 16.69
CA GLY A 46 -2.52 -9.82 17.06
C GLY A 46 -1.71 -9.54 18.30
N ASP A 47 -0.49 -10.07 18.33
CA ASP A 47 0.39 -9.91 19.47
C ASP A 47 1.83 -9.76 18.98
N TRP A 48 2.79 -10.11 19.84
CA TRP A 48 4.19 -9.93 19.52
C TRP A 48 4.67 -10.83 18.39
N ARG A 49 3.93 -11.90 18.05
CA ARG A 49 4.32 -12.77 16.95
C ARG A 49 4.00 -12.15 15.59
N ASP A 50 2.84 -11.50 15.46
CA ASP A 50 2.54 -10.77 14.23
C ASP A 50 3.60 -9.71 13.96
N ILE A 51 3.99 -8.96 14.99
CA ILE A 51 5.02 -7.95 14.85
C ILE A 51 6.35 -8.61 14.49
N ALA A 52 6.64 -9.76 15.09
CA ALA A 52 7.94 -10.40 14.88
C ALA A 52 8.09 -10.92 13.45
N ARG A 53 7.02 -11.48 12.88
CA ARG A 53 7.05 -12.00 11.52
C ARG A 53 7.06 -10.90 10.47
N CYS A 54 6.96 -9.64 10.89
CA CYS A 54 7.08 -8.53 9.96
C CYS A 54 8.49 -8.37 9.46
N GLN A 55 9.48 -8.58 10.33
CA GLN A 55 10.91 -8.55 9.97
C GLN A 55 11.33 -7.20 9.42
N ILE A 56 10.57 -6.15 9.73
CA ILE A 56 10.88 -4.81 9.23
C ILE A 56 11.14 -3.84 10.38
N ALA A 57 11.23 -4.33 11.61
CA ALA A 57 11.54 -3.44 12.71
C ALA A 57 13.06 -3.30 12.83
N GLY A 58 13.48 -2.28 13.58
CA GLY A 58 14.89 -2.00 13.76
C GLY A 58 15.41 -2.34 15.14
N THR A 59 15.59 -1.32 15.98
CA THR A 59 16.04 -1.53 17.37
C THR A 59 15.06 -0.94 18.37
N VAL A 60 13.81 -0.71 17.98
CA VAL A 60 12.81 -0.11 18.86
C VAL A 60 11.66 -1.08 19.05
N VAL A 61 11.41 -1.47 20.30
CA VAL A 61 10.30 -2.34 20.66
C VAL A 61 9.03 -1.51 20.69
N SER A 62 8.11 -1.77 19.77
CA SER A 62 6.87 -1.00 19.75
C SER A 62 5.73 -1.81 19.15
N THR A 63 4.52 -1.45 19.55
CA THR A 63 3.31 -2.00 18.98
C THR A 63 2.65 -0.95 18.09
N GLN A 64 1.77 -1.43 17.20
CA GLN A 64 0.96 -0.61 16.30
C GLN A 64 1.78 0.12 15.23
N LEU A 65 2.72 0.97 15.64
CA LEU A 65 3.60 1.65 14.72
C LEU A 65 5.02 1.18 14.94
N PHE A 66 5.80 1.13 13.86
CA PHE A 66 7.19 0.76 13.94
C PHE A 66 8.00 2.04 13.88
N LEU A 67 8.96 2.18 14.78
CA LEU A 67 9.73 3.40 14.93
C LEU A 67 11.18 3.08 14.62
N ASN A 68 11.84 3.99 13.91
CA ASN A 68 13.27 3.89 13.65
C ASN A 68 13.64 2.55 12.99
N GLY A 69 12.72 1.99 12.22
CA GLY A 69 12.95 0.75 11.52
C GLY A 69 13.54 1.00 10.16
N SER A 70 13.47 -0.02 9.31
CA SER A 70 13.97 0.12 7.95
C SER A 70 12.82 0.45 7.01
N LEU A 71 13.10 1.34 6.06
CA LEU A 71 12.13 1.79 5.08
C LEU A 71 12.30 1.04 3.77
N ALA A 72 11.19 0.92 3.04
CA ALA A 72 11.21 0.32 1.71
C ALA A 72 11.99 1.22 0.75
N GLU A 73 12.31 0.67 -0.41
CA GLU A 73 13.22 1.34 -1.33
C GLU A 73 12.54 2.07 -2.47
N GLU A 74 11.28 1.75 -2.77
CA GLU A 74 10.59 2.33 -3.92
C GLU A 74 9.29 2.99 -3.51
N GLU A 75 8.37 2.24 -2.89
CA GLU A 75 7.12 2.79 -2.40
C GLU A 75 6.67 1.95 -1.22
N VAL A 76 5.51 2.30 -0.68
CA VAL A 76 4.92 1.51 0.40
C VAL A 76 4.76 0.08 -0.08
N VAL A 77 5.17 -0.87 0.76
CA VAL A 77 5.03 -2.28 0.47
C VAL A 77 4.21 -2.91 1.59
N ILE A 78 3.17 -3.65 1.22
CA ILE A 78 2.34 -4.32 2.21
C ILE A 78 2.49 -5.83 2.06
N ARG A 79 2.70 -6.53 3.17
CA ARG A 79 2.90 -7.98 3.10
C ARG A 79 1.99 -8.75 4.04
N SER A 80 1.38 -9.82 3.56
CA SER A 80 0.56 -10.67 4.43
C SER A 80 0.71 -12.14 4.06
N GLU A 81 0.54 -13.04 5.03
CA GLU A 81 0.58 -14.47 4.72
C GLU A 81 -0.55 -14.77 3.77
N ASP A 82 -1.78 -14.55 4.21
CA ASP A 82 -2.93 -14.71 3.32
C ASP A 82 -3.72 -13.42 3.38
N TRP A 83 -3.88 -12.74 2.24
CA TRP A 83 -4.69 -11.53 2.20
C TRP A 83 -6.14 -11.81 2.52
N ARG A 84 -6.61 -12.99 2.12
CA ARG A 84 -8.00 -13.37 2.39
C ARG A 84 -8.27 -13.69 3.86
N ASP A 85 -7.23 -13.93 4.63
CA ASP A 85 -7.41 -14.28 6.03
C ASP A 85 -7.40 -13.04 6.91
N ASN A 86 -8.54 -12.75 7.56
CA ASN A 86 -8.63 -11.56 8.41
C ASN A 86 -7.86 -11.76 9.70
N ALA A 87 -7.62 -13.02 10.05
CA ALA A 87 -6.82 -13.30 11.23
C ALA A 87 -5.33 -13.16 10.97
N LYS A 88 -4.93 -12.90 9.74
CA LYS A 88 -3.55 -12.58 9.42
C LYS A 88 -3.39 -11.05 9.40
N SER A 89 -2.38 -10.56 10.11
CA SER A 89 -2.14 -9.14 10.15
C SER A 89 -1.52 -8.67 8.83
N ILE A 90 -1.78 -7.41 8.51
CA ILE A 90 -1.23 -6.76 7.33
C ILE A 90 -0.08 -5.88 7.76
N CYS A 91 1.12 -6.19 7.30
CA CYS A 91 2.32 -5.45 7.64
C CYS A 91 2.58 -4.38 6.60
N VAL A 92 2.76 -3.14 7.04
CA VAL A 92 3.01 -2.02 6.14
C VAL A 92 4.42 -1.51 6.38
N GLN A 93 5.21 -1.44 5.31
CA GLN A 93 6.53 -0.84 5.34
C GLN A 93 6.48 0.42 4.48
N LEU A 94 6.81 1.55 5.07
CA LEU A 94 6.75 2.80 4.35
C LEU A 94 8.02 3.03 3.57
N ALA A 95 7.94 3.88 2.55
CA ALA A 95 9.12 4.33 1.83
C ALA A 95 9.66 5.65 2.35
N THR A 96 8.77 6.52 2.83
CA THR A 96 9.15 7.77 3.50
C THR A 96 8.68 7.73 4.95
N SER A 97 9.57 8.08 5.86
CA SER A 97 9.26 8.09 7.27
C SER A 97 8.42 9.32 7.63
N VAL A 98 7.66 9.19 8.71
CA VAL A 98 6.80 10.24 9.25
C VAL A 98 7.28 10.55 10.65
N GLU A 99 7.71 11.79 10.87
CA GLU A 99 8.22 12.17 12.17
C GLU A 99 7.13 12.09 13.22
N ILE A 100 7.46 11.49 14.36
CA ILE A 100 6.66 11.59 15.56
C ILE A 100 7.50 12.32 16.60
N ALA A 101 6.98 13.43 17.12
CA ALA A 101 7.69 14.24 18.09
C ALA A 101 6.87 14.28 19.36
N CYS A 102 7.51 14.01 20.50
CA CYS A 102 6.88 14.10 21.80
C CYS A 102 7.48 15.29 22.55
N THR A 103 6.62 16.02 23.27
CA THR A 103 7.02 17.32 23.82
C THR A 103 7.60 17.25 25.23
N GLY A 104 7.54 16.10 25.88
CA GLY A 104 7.97 15.97 27.26
C GLY A 104 6.90 16.32 28.27
N ALA A 105 5.74 16.81 27.81
CA ALA A 105 4.65 17.17 28.69
C ALA A 105 3.57 16.11 28.77
N GLY A 106 3.70 15.01 28.03
CA GLY A 106 2.65 14.01 28.11
C GLY A 106 1.93 13.74 26.80
N HIS A 107 2.44 14.25 25.68
CA HIS A 107 1.77 14.04 24.40
C HIS A 107 2.78 14.06 23.27
N CYS A 108 2.44 13.36 22.19
CA CYS A 108 3.24 13.30 20.99
C CYS A 108 2.42 13.84 19.82
N ALA A 109 3.14 14.32 18.80
CA ALA A 109 2.55 15.02 17.68
C ALA A 109 3.09 14.47 16.37
N ILE A 110 2.20 14.36 15.39
CA ILE A 110 2.53 13.91 14.03
C ILE A 110 1.92 14.89 13.05
N SER A 111 2.66 15.26 12.01
CA SER A 111 2.08 16.19 11.04
C SER A 111 0.82 15.59 10.43
N ARG A 112 -0.24 16.38 10.36
CA ARG A 112 -1.48 15.90 9.79
C ARG A 112 -1.45 15.82 8.27
N ALA A 113 -0.68 16.68 7.61
CA ALA A 113 -0.56 16.59 6.16
C ALA A 113 0.31 15.40 5.75
N LYS A 114 1.35 15.12 6.53
CA LYS A 114 2.23 13.99 6.24
C LYS A 114 1.53 12.67 6.48
N TRP A 115 0.80 12.54 7.59
CA TRP A 115 0.09 11.31 7.87
C TRP A 115 -1.04 11.09 6.87
N ALA A 116 -1.75 12.16 6.49
CA ALA A 116 -2.80 12.02 5.49
C ALA A 116 -2.22 11.64 4.14
N ASN A 117 -0.98 12.04 3.86
CA ASN A 117 -0.30 11.56 2.66
C ASN A 117 0.05 10.09 2.79
N THR A 118 0.47 9.65 3.98
CA THR A 118 0.89 8.27 4.17
C THR A 118 -0.27 7.31 4.09
N LEU A 119 -1.40 7.63 4.73
CA LEU A 119 -2.56 6.75 4.62
C LEU A 119 -3.06 6.67 3.19
N LYS A 120 -2.95 7.75 2.44
CA LYS A 120 -3.35 7.69 1.04
C LYS A 120 -2.51 6.68 0.28
N GLN A 121 -1.20 6.64 0.55
CA GLN A 121 -0.37 5.66 -0.11
C GLN A 121 -0.72 4.25 0.34
N ILE A 122 -1.03 4.08 1.62
CA ILE A 122 -1.42 2.77 2.13
C ILE A 122 -2.74 2.33 1.53
N ALA A 123 -3.74 3.22 1.52
CA ALA A 123 -5.04 2.87 0.96
C ALA A 123 -4.94 2.55 -0.53
N SER A 124 -4.02 3.19 -1.23
CA SER A 124 -3.81 2.88 -2.64
C SER A 124 -3.22 1.48 -2.81
N LYS A 125 -2.38 1.05 -1.87
CA LYS A 125 -1.76 -0.27 -1.90
C LYS A 125 -2.75 -1.37 -1.52
N LEU A 126 -3.65 -1.09 -0.57
CA LEU A 126 -4.64 -2.08 -0.20
C LEU A 126 -5.67 -2.29 -1.29
N ARG A 127 -5.95 -1.25 -2.09
CA ARG A 127 -6.91 -1.40 -3.17
C ARG A 127 -6.39 -2.28 -4.30
N GLU A 128 -5.06 -2.43 -4.42
CA GLU A 128 -4.46 -3.39 -5.34
C GLU A 128 -4.77 -4.83 -4.96
N GLN A 129 -5.01 -5.10 -3.67
CA GLN A 129 -5.24 -6.44 -3.19
C GLN A 129 -6.72 -6.73 -2.93
N TYR A 130 -7.55 -5.70 -2.82
CA TYR A 130 -8.95 -5.87 -2.46
C TYR A 130 -9.91 -5.20 -3.42
N GLY A 131 -9.41 -4.46 -4.40
CA GLY A 131 -10.26 -3.93 -5.45
C GLY A 131 -10.61 -2.47 -5.26
N ALA A 132 -11.47 -1.99 -6.16
CA ALA A 132 -11.93 -0.60 -6.19
C ALA A 132 -13.02 -0.39 -5.14
N LYS A 133 -12.58 -0.43 -3.88
CA LYS A 133 -13.47 -0.27 -2.74
C LYS A 133 -12.99 0.89 -1.88
N THR A 134 -13.91 1.45 -1.10
CA THR A 134 -13.58 2.54 -0.20
C THR A 134 -12.77 2.00 0.98
N ILE A 135 -11.63 2.63 1.26
CA ILE A 135 -10.73 2.22 2.32
C ILE A 135 -10.98 3.11 3.53
N ILE A 136 -11.36 2.50 4.64
CA ILE A 136 -11.67 3.21 5.88
C ILE A 136 -10.81 2.61 6.99
N PHE A 137 -10.02 3.44 7.64
CA PHE A 137 -9.28 3.03 8.83
C PHE A 137 -10.04 3.51 10.06
N LYS A 138 -10.18 2.62 11.03
CA LYS A 138 -10.88 2.88 12.29
C LYS A 138 -9.93 2.58 13.44
N PRO A 139 -10.26 3.02 14.65
CA PRO A 139 -9.36 2.77 15.78
C PRO A 139 -9.34 1.30 16.18
N SER A 140 -8.44 0.99 17.11
CA SER A 140 -8.30 -0.36 17.62
C SER A 140 -9.63 -0.87 18.15
N SER A 141 -9.91 -2.14 17.84
CA SER A 141 -11.13 -2.80 18.28
C SER A 141 -11.15 -3.04 19.79
N GLY A 142 -10.00 -2.93 20.44
CA GLY A 142 -9.86 -3.16 21.87
C GLY A 142 -8.69 -4.06 22.17
N GLY A 143 -8.55 -4.38 23.44
CA GLY A 143 -7.51 -5.30 23.84
C GLY A 143 -6.75 -4.78 25.06
N ASP A 144 -5.61 -5.39 25.29
CA ASP A 144 -4.77 -5.04 26.42
C ASP A 144 -4.03 -3.72 26.20
N PRO A 145 -3.65 -3.04 27.30
CA PRO A 145 -3.06 -1.68 27.17
C PRO A 145 -1.95 -1.55 26.17
N GLU A 146 -0.97 -2.42 26.24
CA GLU A 146 0.18 -2.24 25.38
C GLU A 146 -0.10 -2.56 23.92
N PHE A 147 -1.27 -3.12 23.62
CA PHE A 147 -1.64 -3.40 22.24
C PHE A 147 -2.81 -2.59 21.72
N VAL A 148 -3.71 -2.13 22.59
CA VAL A 148 -4.75 -1.21 22.16
C VAL A 148 -4.16 0.18 21.95
N ASN A 149 -3.02 0.48 22.59
CA ASN A 149 -2.30 1.73 22.41
C ASN A 149 -1.03 1.48 21.61
N HIS A 150 -0.57 2.53 20.92
CA HIS A 150 0.77 2.52 20.39
C HIS A 150 1.74 2.67 21.55
N SER A 151 2.36 1.57 21.95
CA SER A 151 3.27 1.53 23.07
C SER A 151 4.67 1.27 22.56
N PHE A 152 5.67 1.84 23.24
CA PHE A 152 7.03 1.69 22.76
C PHE A 152 8.01 1.88 23.90
N ASN A 153 9.17 1.28 23.76
CA ASN A 153 10.21 1.45 24.75
C ASN A 153 11.16 2.56 24.33
N CYS A 154 11.57 3.36 25.32
CA CYS A 154 12.49 4.46 25.09
C CYS A 154 13.28 4.69 26.37
N GLY A 155 14.61 4.55 26.29
CA GLY A 155 15.48 4.89 27.41
C GLY A 155 15.15 4.21 28.72
N GLY A 156 14.84 2.92 28.67
CA GLY A 156 14.55 2.18 29.89
C GLY A 156 13.17 2.39 30.45
N GLU A 157 12.22 2.83 29.65
CA GLU A 157 10.87 3.03 30.16
C GLU A 157 9.88 2.76 29.04
N PHE A 158 8.74 2.19 29.39
CA PHE A 158 7.74 1.79 28.43
C PHE A 158 6.56 2.75 28.49
N PHE A 159 6.22 3.33 27.33
CA PHE A 159 5.17 4.34 27.23
C PHE A 159 3.97 3.78 26.48
N TYR A 160 2.79 4.30 26.81
CA TYR A 160 1.53 3.90 26.18
C TYR A 160 0.82 5.12 25.61
N CYS A 161 0.68 5.17 24.28
CA CYS A 161 0.12 6.33 23.60
C CYS A 161 -1.14 5.90 22.84
N ALA A 162 -2.27 6.55 23.13
CA ALA A 162 -3.47 6.27 22.38
C ALA A 162 -3.33 6.79 20.96
N SER A 163 -3.85 6.02 20.00
CA SER A 163 -3.67 6.28 18.58
C SER A 163 -4.98 6.49 17.85
N THR A 164 -6.08 6.71 18.58
CA THR A 164 -7.39 6.79 17.94
C THR A 164 -7.46 7.93 16.94
N GLN A 165 -6.58 8.92 17.06
CA GLN A 165 -6.58 10.02 16.10
C GLN A 165 -5.85 9.67 14.81
N LEU A 166 -5.04 8.60 14.81
CA LEU A 166 -4.31 8.19 13.61
C LEU A 166 -5.15 7.35 12.66
N PHE A 167 -6.23 6.74 13.16
CA PHE A 167 -7.04 5.80 12.41
C PHE A 167 -8.48 6.27 12.48
N ALA A 168 -8.77 7.30 11.69
CA ALA A 168 -10.13 7.82 11.56
C ALA A 168 -10.27 8.60 10.27
N SER A 169 -10.20 7.92 9.12
CA SER A 169 -10.32 8.58 7.83
C SER A 169 -10.93 7.62 6.82
N THR A 170 -11.52 8.19 5.77
CA THR A 170 -12.13 7.48 4.67
C THR A 170 -11.46 7.90 3.38
N TRP A 171 -11.10 6.94 2.54
CA TRP A 171 -10.43 7.23 1.28
C TRP A 171 -11.08 6.48 0.13
N PHE A 172 -11.12 7.14 -1.03
CA PHE A 172 -11.62 6.57 -2.26
C PHE A 172 -10.46 6.32 -3.21
N GLN B 1 -9.16 -34.82 24.93
CA GLN B 1 -9.11 -34.15 26.22
C GLN B 1 -9.60 -32.73 26.09
N VAL B 2 -9.41 -32.16 24.89
CA VAL B 2 -9.81 -30.79 24.63
C VAL B 2 -11.32 -30.68 24.66
N GLN B 3 -11.85 -29.74 25.45
CA GLN B 3 -13.27 -29.49 25.48
C GLN B 3 -13.50 -28.01 25.77
N LEU B 4 -14.63 -27.51 25.29
CA LEU B 4 -15.09 -26.16 25.56
C LEU B 4 -16.45 -26.28 26.22
N VAL B 5 -16.57 -25.80 27.47
CA VAL B 5 -17.80 -25.89 28.23
C VAL B 5 -18.39 -24.49 28.32
N GLN B 6 -19.58 -24.32 27.76
CA GLN B 6 -20.25 -23.02 27.73
C GLN B 6 -21.33 -22.92 28.79
N SER B 7 -21.79 -21.69 29.00
CA SER B 7 -22.81 -21.39 29.97
C SER B 7 -24.19 -21.84 29.46
N GLY B 8 -25.11 -22.00 30.41
CA GLY B 8 -26.41 -22.56 30.12
C GLY B 8 -27.29 -21.65 29.30
N ALA B 9 -28.52 -22.11 29.10
CA ALA B 9 -29.48 -21.34 28.32
C ALA B 9 -29.89 -20.09 29.09
N ASP B 10 -30.40 -19.11 28.35
CA ASP B 10 -30.72 -17.82 28.93
C ASP B 10 -31.83 -17.16 28.13
N VAL B 11 -32.62 -16.36 28.83
CA VAL B 11 -33.67 -15.55 28.22
C VAL B 11 -33.41 -14.11 28.62
N LYS B 12 -33.54 -13.19 27.66
CA LYS B 12 -33.27 -11.77 27.90
C LYS B 12 -34.32 -10.92 27.19
N LYS B 13 -34.55 -9.69 27.73
CA LYS B 13 -35.60 -8.81 27.22
C LYS B 13 -35.13 -8.16 25.93
N PRO B 14 -36.03 -7.85 25.01
CA PRO B 14 -35.61 -7.13 23.80
C PRO B 14 -35.00 -5.79 24.18
N GLY B 15 -33.84 -5.49 23.59
CA GLY B 15 -33.10 -4.29 23.91
C GLY B 15 -32.09 -4.43 25.02
N ALA B 16 -32.04 -5.57 25.71
CA ALA B 16 -31.13 -5.76 26.83
C ALA B 16 -29.85 -6.43 26.32
N SER B 17 -29.07 -7.02 27.21
CA SER B 17 -27.81 -7.65 26.87
C SER B 17 -27.74 -9.04 27.50
N VAL B 18 -26.86 -9.86 26.94
CA VAL B 18 -26.61 -11.21 27.42
C VAL B 18 -25.11 -11.46 27.34
N LYS B 19 -24.59 -12.17 28.33
CA LYS B 19 -23.16 -12.48 28.36
C LYS B 19 -23.00 -13.98 28.46
N VAL B 20 -22.32 -14.57 27.48
CA VAL B 20 -22.10 -16.02 27.35
C VAL B 20 -20.64 -16.34 27.67
N SER B 21 -20.43 -17.35 28.49
CA SER B 21 -19.10 -17.80 28.85
C SER B 21 -18.77 -19.13 28.19
N CYS B 22 -17.48 -19.42 28.09
CA CYS B 22 -16.99 -20.64 27.47
C CYS B 22 -15.65 -20.97 28.09
N LYS B 23 -15.61 -21.99 28.94
CA LYS B 23 -14.41 -22.36 29.66
C LYS B 23 -13.70 -23.49 28.93
N ALA B 24 -12.39 -23.33 28.73
CA ALA B 24 -11.53 -24.23 27.99
C ALA B 24 -10.72 -25.11 28.93
N SER B 25 -10.43 -26.32 28.46
CA SER B 25 -9.60 -27.26 29.21
C SER B 25 -9.01 -28.26 28.24
N GLY B 26 -7.88 -28.85 28.64
CA GLY B 26 -7.19 -29.81 27.83
C GLY B 26 -6.11 -29.26 26.93
N TYR B 27 -5.86 -27.96 26.96
CA TYR B 27 -4.82 -27.36 26.12
C TYR B 27 -4.43 -26.02 26.71
N THR B 28 -3.41 -25.42 26.11
CA THR B 28 -2.93 -24.10 26.53
C THR B 28 -3.81 -23.04 25.88
N PHE B 29 -4.57 -22.34 26.71
CA PHE B 29 -5.62 -21.44 26.22
C PHE B 29 -5.06 -20.34 25.32
N THR B 30 -3.86 -19.85 25.61
CA THR B 30 -3.33 -18.71 24.88
C THR B 30 -2.73 -19.06 23.53
N ASP B 31 -2.69 -20.35 23.16
CA ASP B 31 -2.11 -20.73 21.88
C ASP B 31 -3.11 -20.72 20.73
N TYR B 32 -4.40 -20.52 21.00
CA TYR B 32 -5.43 -20.55 19.97
C TYR B 32 -6.41 -19.41 20.20
N TYR B 33 -6.73 -18.69 19.12
CA TYR B 33 -7.82 -17.73 19.16
C TYR B 33 -9.13 -18.45 19.44
N MET B 34 -10.10 -17.70 19.95
CA MET B 34 -11.44 -18.20 20.20
C MET B 34 -12.39 -17.58 19.20
N HIS B 35 -13.14 -18.42 18.49
CA HIS B 35 -14.16 -17.96 17.58
C HIS B 35 -15.52 -18.11 18.22
N TRP B 36 -16.46 -17.31 17.75
CA TRP B 36 -17.85 -17.37 18.20
C TRP B 36 -18.69 -17.43 16.95
N VAL B 37 -19.61 -18.39 16.93
CA VAL B 37 -20.50 -18.61 15.79
C VAL B 37 -21.90 -18.85 16.31
N ARG B 38 -22.91 -18.28 15.66
CA ARG B 38 -24.27 -18.49 16.09
C ARG B 38 -25.07 -19.17 14.99
N GLN B 39 -26.23 -19.70 15.39
CA GLN B 39 -27.11 -20.42 14.48
C GLN B 39 -28.54 -20.13 14.90
N ALA B 40 -29.25 -19.38 14.09
CA ALA B 40 -30.66 -19.14 14.37
C ALA B 40 -31.44 -20.44 14.20
N PRO B 41 -32.58 -20.58 14.89
CA PRO B 41 -33.35 -21.84 14.81
C PRO B 41 -33.66 -22.27 13.38
N GLY B 42 -33.09 -23.41 12.97
CA GLY B 42 -33.31 -23.99 11.67
C GLY B 42 -32.56 -23.36 10.52
N GLN B 43 -31.60 -22.48 10.81
CA GLN B 43 -30.86 -21.70 9.82
C GLN B 43 -29.37 -22.05 9.84
N GLY B 44 -28.61 -21.38 9.00
CA GLY B 44 -27.21 -21.69 8.81
C GLY B 44 -26.33 -21.13 9.90
N LEU B 45 -25.03 -21.09 9.62
CA LEU B 45 -24.02 -20.68 10.58
C LEU B 45 -23.51 -19.29 10.28
N GLU B 46 -23.27 -18.51 11.33
CA GLU B 46 -22.84 -17.13 11.16
C GLU B 46 -21.74 -16.81 12.16
N TRP B 47 -20.55 -16.52 11.65
CA TRP B 47 -19.41 -16.13 12.45
C TRP B 47 -19.56 -14.70 12.96
N MET B 48 -19.30 -14.48 14.24
CA MET B 48 -19.37 -13.13 14.77
C MET B 48 -18.02 -12.50 15.05
N GLY B 49 -17.01 -13.27 15.42
CA GLY B 49 -15.72 -12.67 15.61
C GLY B 49 -14.79 -13.58 16.37
N TRP B 50 -13.53 -13.17 16.41
CA TRP B 50 -12.52 -13.85 17.20
C TRP B 50 -11.86 -12.91 18.20
N ILE B 51 -11.19 -13.52 19.17
CA ILE B 51 -10.40 -12.81 20.16
C ILE B 51 -9.05 -13.50 20.32
N ASN B 52 -7.99 -12.72 20.30
CA ASN B 52 -6.65 -13.21 20.58
C ASN B 52 -6.45 -13.25 22.09
N PRO B 53 -6.22 -14.43 22.68
CA PRO B 53 -6.08 -14.51 24.14
C PRO B 53 -4.71 -14.07 24.64
N ASN B 54 -3.74 -13.80 23.76
CA ASN B 54 -2.46 -13.25 24.21
C ASN B 54 -2.55 -11.75 24.44
N SER B 55 -3.30 -11.05 23.58
CA SER B 55 -3.32 -9.60 23.57
C SER B 55 -4.69 -9.00 23.81
N GLY B 56 -5.74 -9.81 23.84
CA GLY B 56 -7.09 -9.31 23.97
C GLY B 56 -7.66 -8.69 22.72
N GLY B 57 -6.89 -8.56 21.66
CA GLY B 57 -7.41 -7.98 20.44
C GLY B 57 -8.56 -8.78 19.87
N THR B 58 -9.41 -8.11 19.11
CA THR B 58 -10.58 -8.75 18.54
C THR B 58 -10.75 -8.29 17.10
N ASN B 59 -11.60 -9.02 16.39
CA ASN B 59 -12.00 -8.66 15.03
C ASN B 59 -13.43 -9.16 14.86
N TYR B 60 -14.40 -8.26 14.93
CA TYR B 60 -15.80 -8.63 14.82
C TYR B 60 -16.24 -8.55 13.36
N ALA B 61 -17.27 -9.33 13.02
CA ALA B 61 -17.96 -9.11 11.76
C ALA B 61 -18.63 -7.75 11.82
N GLN B 62 -18.54 -6.98 10.73
CA GLN B 62 -19.11 -5.64 10.70
C GLN B 62 -20.57 -5.64 11.13
N LYS B 63 -21.29 -6.75 10.90
CA LYS B 63 -22.69 -6.82 11.27
C LYS B 63 -22.89 -6.66 12.77
N PHE B 64 -21.88 -7.03 13.57
CA PHE B 64 -21.98 -6.99 15.02
C PHE B 64 -21.07 -5.93 15.64
N GLN B 65 -20.43 -5.09 14.83
CA GLN B 65 -19.53 -4.06 15.37
C GLN B 65 -20.31 -3.04 16.17
N ASP B 66 -19.71 -2.59 17.28
CA ASP B 66 -20.29 -1.65 18.25
C ASP B 66 -21.50 -2.22 18.96
N ARG B 67 -21.68 -3.53 18.92
CA ARG B 67 -22.80 -4.21 19.57
C ARG B 67 -22.41 -5.42 20.41
N VAL B 68 -21.20 -5.96 20.23
CA VAL B 68 -20.79 -7.21 20.86
C VAL B 68 -19.39 -7.02 21.43
N THR B 69 -19.16 -7.52 22.63
CA THR B 69 -17.87 -7.37 23.29
C THR B 69 -17.31 -8.75 23.63
N MET B 70 -16.09 -9.02 23.21
CA MET B 70 -15.43 -10.29 23.47
C MET B 70 -14.24 -10.06 24.37
N THR B 71 -14.20 -10.76 25.50
CA THR B 71 -13.13 -10.69 26.46
C THR B 71 -12.73 -12.11 26.88
N ARG B 72 -11.63 -12.23 27.61
CA ARG B 72 -11.20 -13.52 28.13
C ARG B 72 -10.57 -13.39 29.51
N ASP B 73 -10.56 -14.52 30.22
CA ASP B 73 -9.93 -14.67 31.52
C ASP B 73 -8.97 -15.84 31.47
N THR B 74 -7.68 -15.56 31.37
CA THR B 74 -6.70 -16.63 31.20
C THR B 74 -6.53 -17.46 32.46
N SER B 75 -6.65 -16.86 33.63
CA SER B 75 -6.44 -17.60 34.87
C SER B 75 -7.39 -18.78 35.01
N VAL B 76 -8.59 -18.69 34.45
CA VAL B 76 -9.52 -19.81 34.37
C VAL B 76 -9.79 -20.23 32.93
N SER B 77 -8.99 -19.71 31.99
CA SER B 77 -9.01 -20.10 30.57
C SER B 77 -10.43 -20.07 30.00
N THR B 78 -11.13 -18.98 30.26
CA THR B 78 -12.51 -18.81 29.81
C THR B 78 -12.62 -17.61 28.90
N ALA B 79 -13.39 -17.75 27.83
CA ALA B 79 -13.72 -16.66 26.92
C ALA B 79 -15.17 -16.25 27.12
N TYR B 80 -15.44 -14.96 26.93
CA TYR B 80 -16.77 -14.38 27.11
C TYR B 80 -17.16 -13.59 25.87
N MET B 81 -18.46 -13.54 25.62
CA MET B 81 -19.00 -12.88 24.43
C MET B 81 -20.31 -12.24 24.90
N GLU B 82 -20.32 -10.91 24.98
CA GLU B 82 -21.48 -10.16 25.47
C GLU B 82 -22.14 -9.44 24.31
N VAL B 83 -23.42 -9.72 24.09
CA VAL B 83 -24.15 -9.14 22.98
C VAL B 83 -25.25 -8.27 23.55
N SER B 84 -25.24 -6.99 23.22
CA SER B 84 -26.21 -6.05 23.75
C SER B 84 -27.13 -5.54 22.65
N GLY B 85 -28.19 -4.87 23.08
CA GLY B 85 -29.22 -4.40 22.17
C GLY B 85 -29.91 -5.53 21.44
N LEU B 86 -30.26 -6.59 22.15
CA LEU B 86 -30.78 -7.80 21.51
C LEU B 86 -32.12 -7.53 20.85
N ARG B 87 -32.32 -8.16 19.68
CA ARG B 87 -33.57 -8.12 18.96
C ARG B 87 -34.09 -9.55 18.81
N SER B 88 -35.34 -9.66 18.36
CA SER B 88 -35.98 -10.97 18.24
C SER B 88 -35.15 -11.93 17.39
N ASP B 89 -34.50 -11.41 16.34
CA ASP B 89 -33.64 -12.18 15.47
C ASP B 89 -32.27 -12.53 16.08
N ASP B 90 -32.01 -12.20 17.34
CA ASP B 90 -30.82 -12.70 18.02
C ASP B 90 -31.05 -14.04 18.71
N THR B 91 -32.29 -14.50 18.77
CA THR B 91 -32.57 -15.84 19.28
C THR B 91 -31.76 -16.83 18.47
N ALA B 92 -30.85 -17.52 19.13
CA ALA B 92 -29.93 -18.41 18.43
C ALA B 92 -29.18 -19.22 19.47
N VAL B 93 -28.41 -20.18 18.98
CA VAL B 93 -27.46 -20.92 19.79
C VAL B 93 -26.08 -20.33 19.51
N TYR B 94 -25.38 -19.94 20.55
CA TYR B 94 -24.09 -19.25 20.42
C TYR B 94 -22.99 -20.24 20.77
N TYR B 95 -22.08 -20.47 19.84
CA TYR B 95 -21.00 -21.44 19.97
C TYR B 95 -19.67 -20.73 20.11
N CYS B 96 -18.82 -21.29 20.95
CA CYS B 96 -17.40 -20.99 20.92
C CYS B 96 -16.69 -22.15 20.24
N ALA B 97 -15.61 -21.82 19.54
CA ALA B 97 -14.89 -22.83 18.77
C ALA B 97 -13.46 -22.38 18.62
N ARG B 98 -12.57 -23.35 18.49
CA ARG B 98 -11.17 -23.09 18.18
C ARG B 98 -10.74 -24.02 17.07
N ILE B 99 -9.63 -23.67 16.43
CA ILE B 99 -9.14 -24.42 15.29
C ILE B 99 -8.20 -25.52 15.77
N LYS B 100 -7.92 -26.45 14.88
CA LYS B 100 -6.90 -27.47 15.05
C LYS B 100 -5.87 -27.25 13.95
N LEU B 101 -4.58 -27.22 14.31
CA LEU B 101 -3.56 -26.89 13.33
C LEU B 101 -3.65 -27.81 12.12
N CYS B 102 -3.50 -27.22 10.93
CA CYS B 102 -3.78 -27.87 9.66
C CYS B 102 -2.79 -28.94 9.26
N ASN B 103 -1.72 -29.16 10.02
CA ASN B 103 -0.62 -30.05 9.64
C ASN B 103 0.21 -29.33 8.56
N GLY B 104 -0.46 -28.65 7.62
CA GLY B 104 0.25 -27.89 6.60
C GLY B 104 -0.02 -26.39 6.50
N GLY B 105 -0.93 -25.84 7.31
CA GLY B 105 -1.14 -24.39 7.32
C GLY B 105 -2.33 -23.85 6.56
N SER B 106 -3.29 -24.68 6.16
CA SER B 106 -4.49 -24.22 5.46
C SER B 106 -5.73 -24.21 6.33
N CYS B 107 -5.58 -24.32 7.65
CA CYS B 107 -6.70 -24.52 8.56
C CYS B 107 -6.80 -23.41 9.58
N ASN B 108 -6.47 -22.18 9.18
CA ASN B 108 -6.60 -21.11 10.16
C ASN B 108 -8.05 -20.84 10.51
N TRP B 109 -8.99 -21.48 9.84
CA TRP B 109 -10.40 -21.33 10.16
C TRP B 109 -11.11 -22.68 10.20
N SER B 110 -10.37 -23.77 10.38
CA SER B 110 -10.97 -25.11 10.48
C SER B 110 -11.32 -25.35 11.94
N LEU B 111 -12.58 -25.12 12.30
CA LEU B 111 -13.01 -25.26 13.69
C LEU B 111 -13.18 -26.74 14.00
N GLY B 112 -12.15 -27.33 14.58
CA GLY B 112 -12.21 -28.75 14.89
C GLY B 112 -12.83 -29.01 16.25
N TYR B 113 -12.90 -27.98 17.09
CA TYR B 113 -13.43 -28.14 18.45
C TYR B 113 -14.46 -27.04 18.71
N TRP B 114 -15.63 -27.45 19.19
CA TRP B 114 -16.74 -26.56 19.45
C TRP B 114 -17.25 -26.82 20.86
N GLY B 115 -17.81 -25.79 21.47
CA GLY B 115 -18.57 -25.96 22.68
C GLY B 115 -19.93 -26.52 22.35
N GLN B 116 -20.70 -26.79 23.39
CA GLN B 116 -22.03 -27.34 23.24
C GLN B 116 -23.08 -26.31 22.83
N GLY B 117 -22.75 -25.01 22.87
CA GLY B 117 -23.70 -23.99 22.44
C GLY B 117 -24.61 -23.49 23.55
N SER B 118 -24.97 -22.20 23.52
CA SER B 118 -25.79 -21.57 24.55
C SER B 118 -27.03 -20.99 23.90
N LEU B 119 -28.21 -21.51 24.23
CA LEU B 119 -29.45 -21.04 23.60
C LEU B 119 -29.94 -19.78 24.31
N VAL B 120 -29.94 -18.65 23.59
CA VAL B 120 -30.37 -17.36 24.13
C VAL B 120 -31.68 -16.96 23.44
N THR B 121 -32.75 -16.87 24.21
CA THR B 121 -34.04 -16.47 23.71
C THR B 121 -34.27 -14.99 24.01
N VAL B 122 -34.70 -14.23 23.01
CA VAL B 122 -35.01 -12.82 23.17
C VAL B 122 -36.53 -12.66 23.10
N SER B 123 -37.15 -12.44 24.25
CA SER B 123 -38.60 -12.24 24.35
C SER B 123 -38.87 -11.48 25.64
N SER B 124 -40.11 -11.01 25.77
CA SER B 124 -40.58 -10.31 26.95
C SER B 124 -41.36 -11.22 27.90
N ALA B 125 -41.55 -12.49 27.55
CA ALA B 125 -42.30 -13.40 28.39
C ALA B 125 -41.49 -13.84 29.60
N SER B 126 -42.20 -14.22 30.65
CA SER B 126 -41.56 -14.58 31.91
C SER B 126 -41.11 -16.04 31.89
N THR B 127 -39.97 -16.31 32.53
CA THR B 127 -39.51 -17.68 32.69
C THR B 127 -40.55 -18.45 33.51
N LYS B 128 -40.93 -19.62 33.02
CA LYS B 128 -42.04 -20.38 33.58
C LYS B 128 -41.66 -21.86 33.56
N GLY B 129 -41.79 -22.53 34.70
CA GLY B 129 -41.52 -23.96 34.79
C GLY B 129 -42.64 -24.82 34.26
N PRO B 130 -42.31 -26.01 33.77
CA PRO B 130 -43.34 -26.83 33.13
C PRO B 130 -44.18 -27.62 34.13
N SER B 131 -45.40 -27.90 33.71
CA SER B 131 -46.24 -28.91 34.35
C SER B 131 -46.01 -30.22 33.63
N VAL B 132 -46.07 -31.31 34.38
CA VAL B 132 -45.75 -32.65 33.91
C VAL B 132 -46.94 -33.55 34.17
N PHE B 133 -47.52 -34.09 33.09
CA PHE B 133 -48.67 -34.99 33.15
C PHE B 133 -48.34 -36.34 32.50
N PRO B 134 -48.90 -37.43 33.00
CA PRO B 134 -48.59 -38.73 32.42
C PRO B 134 -49.44 -39.01 31.20
N LEU B 135 -48.83 -39.69 30.23
CA LEU B 135 -49.52 -40.28 29.09
C LEU B 135 -49.56 -41.79 29.36
N ALA B 136 -50.64 -42.24 30.00
CA ALA B 136 -50.75 -43.60 30.53
C ALA B 136 -51.03 -44.60 29.40
N PRO B 137 -50.40 -45.79 29.43
CA PRO B 137 -50.56 -46.86 28.45
C PRO B 137 -51.89 -47.60 28.55
N GLY B 145 -47.98 -57.19 21.28
CA GLY B 145 -47.43 -57.17 22.63
C GLY B 145 -46.56 -55.97 22.94
N THR B 146 -46.77 -54.86 22.22
CA THR B 146 -46.06 -53.62 22.49
C THR B 146 -47.03 -52.56 23.02
N ALA B 147 -46.59 -51.85 24.06
CA ALA B 147 -47.38 -50.79 24.68
C ALA B 147 -46.61 -49.46 24.60
N ALA B 148 -47.35 -48.38 24.41
CA ALA B 148 -46.76 -47.05 24.36
C ALA B 148 -47.20 -46.25 25.58
N LEU B 149 -46.25 -45.50 26.15
CA LEU B 149 -46.55 -44.60 27.25
C LEU B 149 -45.61 -43.39 27.14
N GLY B 150 -45.91 -42.36 27.92
CA GLY B 150 -45.06 -41.19 27.86
C GLY B 150 -45.48 -40.12 28.85
N CYS B 151 -44.89 -38.94 28.67
CA CYS B 151 -45.09 -37.81 29.56
C CYS B 151 -45.35 -36.56 28.73
N LEU B 152 -46.37 -35.80 29.10
CA LEU B 152 -46.68 -34.54 28.45
C LEU B 152 -46.11 -33.39 29.27
N VAL B 153 -45.17 -32.65 28.71
CA VAL B 153 -44.52 -31.50 29.36
C VAL B 153 -45.06 -30.21 28.77
N LYS B 154 -45.94 -29.53 29.50
CA LYS B 154 -46.69 -28.39 28.97
C LYS B 154 -46.37 -27.10 29.72
N ASP B 155 -46.49 -25.99 28.99
CA ASP B 155 -46.53 -24.63 29.56
C ASP B 155 -45.24 -24.29 30.31
N TYR B 156 -44.17 -24.18 29.54
CA TYR B 156 -42.90 -23.73 30.08
C TYR B 156 -42.30 -22.69 29.13
N PHE B 157 -41.35 -21.93 29.64
CA PHE B 157 -40.70 -20.91 28.84
C PHE B 157 -39.44 -20.50 29.58
N PRO B 158 -38.31 -20.31 28.91
CA PRO B 158 -38.07 -20.51 27.48
C PRO B 158 -37.74 -21.96 27.17
N GLU B 159 -37.01 -22.18 26.13
CA GLU B 159 -36.43 -23.47 25.80
C GLU B 159 -35.02 -23.50 26.34
N PRO B 160 -34.43 -24.69 26.56
CA PRO B 160 -34.97 -26.03 26.35
C PRO B 160 -35.34 -26.79 27.61
N VAL B 161 -36.03 -27.92 27.42
CA VAL B 161 -36.30 -28.92 28.46
C VAL B 161 -35.62 -30.21 28.03
N THR B 162 -34.93 -30.87 28.96
CA THR B 162 -34.31 -32.16 28.70
C THR B 162 -35.10 -33.26 29.39
N VAL B 163 -35.18 -34.41 28.73
CA VAL B 163 -36.00 -35.52 29.22
C VAL B 163 -35.15 -36.78 29.29
N SER B 164 -35.23 -37.48 30.42
CA SER B 164 -34.66 -38.80 30.55
C SER B 164 -35.72 -39.77 31.08
N TRP B 165 -35.45 -41.06 30.89
CA TRP B 165 -36.34 -42.12 31.35
C TRP B 165 -35.53 -43.05 32.25
N ASN B 166 -36.08 -43.39 33.40
CA ASN B 166 -35.44 -44.29 34.37
C ASN B 166 -34.00 -43.89 34.61
N SER B 167 -33.79 -42.58 34.76
CA SER B 167 -32.48 -41.99 35.02
C SER B 167 -31.46 -42.36 33.95
N GLY B 168 -31.94 -42.63 32.73
CA GLY B 168 -31.07 -42.94 31.61
C GLY B 168 -30.92 -44.41 31.29
N ALA B 169 -31.45 -45.30 32.15
CA ALA B 169 -31.40 -46.74 31.91
C ALA B 169 -32.31 -47.17 30.78
N LEU B 170 -33.28 -46.35 30.41
CA LEU B 170 -34.19 -46.64 29.32
C LEU B 170 -33.92 -45.64 28.20
N THR B 171 -33.33 -46.12 27.13
CA THR B 171 -33.05 -45.28 25.98
C THR B 171 -33.63 -45.83 24.69
N SER B 172 -33.63 -47.15 24.53
CA SER B 172 -34.19 -47.74 23.32
C SER B 172 -35.69 -47.51 23.29
N GLY B 173 -36.20 -47.10 22.13
CA GLY B 173 -37.61 -46.84 22.00
C GLY B 173 -38.06 -45.49 22.51
N VAL B 174 -37.14 -44.64 22.94
CA VAL B 174 -37.48 -43.34 23.52
C VAL B 174 -37.54 -42.30 22.40
N HIS B 175 -38.64 -41.57 22.34
CA HIS B 175 -38.83 -40.52 21.35
C HIS B 175 -39.24 -39.24 22.07
N THR B 176 -38.32 -38.28 22.17
CA THR B 176 -38.59 -36.95 22.73
C THR B 176 -38.87 -35.98 21.59
N PHE B 177 -40.11 -35.50 21.49
CA PHE B 177 -40.50 -34.68 20.34
C PHE B 177 -39.99 -33.24 20.49
N PRO B 178 -39.71 -32.57 19.38
CA PRO B 178 -39.38 -31.14 19.46
C PRO B 178 -40.54 -30.36 20.05
N ALA B 179 -40.21 -29.34 20.84
CA ALA B 179 -41.24 -28.55 21.48
C ALA B 179 -41.97 -27.68 20.47
N VAL B 180 -43.25 -27.48 20.72
CA VAL B 180 -44.08 -26.61 19.89
C VAL B 180 -44.44 -25.40 20.72
N LEU B 181 -44.43 -24.22 20.08
CA LEU B 181 -44.85 -23.00 20.73
C LEU B 181 -46.37 -22.90 20.61
N GLN B 182 -47.07 -22.94 21.73
CA GLN B 182 -48.51 -22.85 21.69
C GLN B 182 -48.96 -21.41 21.48
N SER B 183 -50.28 -21.25 21.28
CA SER B 183 -50.82 -19.93 20.97
C SER B 183 -50.62 -18.94 22.10
N SER B 184 -50.59 -19.43 23.34
CA SER B 184 -50.40 -18.57 24.49
C SER B 184 -48.94 -18.18 24.71
N GLY B 185 -48.04 -18.57 23.82
CA GLY B 185 -46.66 -18.13 23.93
C GLY B 185 -45.77 -19.01 24.78
N LEU B 186 -46.28 -20.12 25.30
CA LEU B 186 -45.48 -21.06 26.08
C LEU B 186 -45.20 -22.33 25.27
N TYR B 187 -44.14 -23.02 25.68
CA TYR B 187 -43.67 -24.21 24.97
C TYR B 187 -44.28 -25.47 25.56
N SER B 188 -44.35 -26.50 24.72
CA SER B 188 -44.89 -27.79 25.15
C SER B 188 -44.27 -28.89 24.31
N LEU B 189 -44.00 -30.04 24.94
CA LEU B 189 -43.47 -31.18 24.22
C LEU B 189 -43.97 -32.47 24.88
N SER B 190 -43.72 -33.58 24.19
CA SER B 190 -44.01 -34.93 24.67
C SER B 190 -42.79 -35.81 24.50
N SER B 191 -42.64 -36.76 25.42
CA SER B 191 -41.62 -37.78 25.34
C SER B 191 -42.30 -39.12 25.58
N VAL B 192 -42.17 -40.04 24.63
CA VAL B 192 -42.88 -41.31 24.68
C VAL B 192 -41.89 -42.45 24.57
N VAL B 193 -42.30 -43.61 25.06
CA VAL B 193 -41.47 -44.81 24.95
C VAL B 193 -42.37 -46.01 24.72
N THR B 194 -41.93 -46.90 23.84
CA THR B 194 -42.61 -48.16 23.55
C THR B 194 -41.91 -49.27 24.30
N VAL B 195 -42.68 -50.05 25.05
CA VAL B 195 -42.15 -51.12 25.89
C VAL B 195 -43.04 -52.35 25.73
N PRO B 196 -42.52 -53.53 26.04
CA PRO B 196 -43.35 -54.75 25.97
C PRO B 196 -44.54 -54.68 26.91
N SER B 197 -45.71 -55.06 26.40
CA SER B 197 -46.90 -55.02 27.23
C SER B 197 -46.81 -55.93 28.43
N SER B 198 -45.97 -56.94 28.38
CA SER B 198 -45.81 -57.82 29.52
C SER B 198 -45.11 -57.13 30.68
N SER B 199 -44.29 -56.11 30.41
CA SER B 199 -43.58 -55.40 31.46
C SER B 199 -44.47 -54.44 32.23
N LEU B 200 -45.66 -54.14 31.74
CA LEU B 200 -46.54 -53.24 32.48
C LEU B 200 -46.89 -53.87 33.81
N GLY B 201 -46.77 -53.09 34.88
CA GLY B 201 -47.01 -53.56 36.22
C GLY B 201 -45.79 -54.17 36.87
N THR B 202 -44.84 -54.68 36.08
CA THR B 202 -43.64 -55.27 36.63
C THR B 202 -42.47 -54.30 36.65
N GLN B 203 -42.25 -53.56 35.57
CA GLN B 203 -41.17 -52.58 35.51
C GLN B 203 -41.74 -51.18 35.74
N THR B 204 -41.15 -50.43 36.67
CA THR B 204 -41.59 -49.06 36.92
C THR B 204 -40.95 -48.11 35.91
N TYR B 205 -41.77 -47.22 35.35
CA TYR B 205 -41.35 -46.27 34.33
C TYR B 205 -41.48 -44.85 34.86
N ILE B 206 -40.37 -44.12 34.88
CA ILE B 206 -40.29 -42.77 35.42
C ILE B 206 -39.60 -41.87 34.40
N CYS B 207 -40.22 -40.75 34.06
CA CYS B 207 -39.62 -39.78 33.16
C CYS B 207 -39.09 -38.61 33.99
N ASN B 208 -37.84 -38.23 33.75
CA ASN B 208 -37.16 -37.17 34.49
C ASN B 208 -37.10 -35.93 33.61
N VAL B 209 -37.90 -34.93 33.94
CA VAL B 209 -37.96 -33.68 33.19
C VAL B 209 -37.05 -32.67 33.86
N ASN B 210 -36.22 -32.01 33.08
CA ASN B 210 -35.33 -30.97 33.57
C ASN B 210 -35.51 -29.71 32.73
N HIS B 211 -35.72 -28.58 33.40
CA HIS B 211 -35.83 -27.27 32.76
C HIS B 211 -34.90 -26.35 33.53
N LYS B 212 -33.64 -26.27 33.09
CA LYS B 212 -32.63 -25.46 33.78
C LYS B 212 -32.99 -23.98 33.89
N PRO B 213 -33.53 -23.31 32.86
CA PRO B 213 -33.85 -21.87 33.01
C PRO B 213 -34.71 -21.52 34.23
N SER B 214 -35.62 -22.39 34.64
CA SER B 214 -36.38 -22.15 35.87
C SER B 214 -35.87 -23.01 37.02
N ASN B 215 -34.79 -23.76 36.78
CA ASN B 215 -34.12 -24.57 37.79
C ASN B 215 -35.11 -25.51 38.50
N THR B 216 -35.74 -26.35 37.69
CA THR B 216 -36.72 -27.33 38.15
C THR B 216 -36.34 -28.71 37.62
N LYS B 217 -36.52 -29.73 38.46
CA LYS B 217 -36.38 -31.14 38.09
C LYS B 217 -37.65 -31.86 38.52
N VAL B 218 -38.25 -32.63 37.62
CA VAL B 218 -39.48 -33.38 37.92
C VAL B 218 -39.21 -34.86 37.67
N ASP B 219 -39.48 -35.69 38.67
CA ASP B 219 -39.44 -37.14 38.55
C ASP B 219 -40.88 -37.64 38.52
N LYS B 220 -41.32 -38.13 37.37
CA LYS B 220 -42.73 -38.44 37.12
C LYS B 220 -42.89 -39.92 36.76
N LYS B 221 -43.56 -40.69 37.62
CA LYS B 221 -43.82 -42.10 37.37
C LYS B 221 -45.14 -42.24 36.62
N VAL B 222 -45.11 -42.92 35.48
CA VAL B 222 -46.29 -43.08 34.64
C VAL B 222 -46.91 -44.45 34.93
N GLU B 223 -48.17 -44.46 35.33
CA GLU B 223 -48.89 -45.67 35.69
C GLU B 223 -50.04 -45.92 34.73
N PRO B 224 -50.47 -47.16 34.57
CA PRO B 224 -51.70 -47.44 33.80
C PRO B 224 -52.93 -47.04 34.60
N LYS B 225 -54.03 -46.83 33.87
CA LYS B 225 -55.32 -46.49 34.51
C LYS B 225 -55.90 -47.64 35.34
N MET C 4 -21.60 -18.84 1.01
CA MET C 4 -21.27 -18.88 -0.40
C MET C 4 -22.45 -19.48 -1.13
N THR C 5 -22.23 -20.54 -1.90
CA THR C 5 -23.31 -21.24 -2.55
C THR C 5 -23.14 -22.75 -2.42
N GLN C 6 -24.25 -23.45 -2.24
CA GLN C 6 -24.25 -24.90 -2.12
C GLN C 6 -25.35 -25.49 -2.99
N SER C 7 -25.06 -26.66 -3.57
CA SER C 7 -26.02 -27.36 -4.42
C SER C 7 -25.91 -28.87 -4.20
N PRO C 8 -27.03 -29.56 -3.99
CA PRO C 8 -28.40 -29.04 -3.91
C PRO C 8 -28.71 -28.49 -2.51
N SER C 9 -29.93 -28.00 -2.28
CA SER C 9 -30.29 -27.57 -0.94
C SER C 9 -30.69 -28.74 -0.05
N SER C 10 -31.23 -29.80 -0.64
CA SER C 10 -31.56 -31.01 0.09
C SER C 10 -31.62 -32.17 -0.89
N LEU C 11 -31.32 -33.37 -0.40
CA LEU C 11 -31.33 -34.57 -1.23
C LEU C 11 -31.64 -35.78 -0.37
N SER C 12 -32.27 -36.78 -0.97
CA SER C 12 -32.54 -38.05 -0.33
C SER C 12 -31.82 -39.15 -1.09
N ALA C 13 -31.32 -40.15 -0.37
CA ALA C 13 -30.55 -41.23 -0.98
C ALA C 13 -30.74 -42.50 -0.16
N SER C 14 -30.56 -43.65 -0.82
CA SER C 14 -30.66 -44.93 -0.14
C SER C 14 -29.34 -45.30 0.52
N VAL C 15 -29.42 -46.24 1.47
CA VAL C 15 -28.20 -46.76 2.08
C VAL C 15 -27.37 -47.45 1.00
N GLY C 16 -26.08 -47.13 0.97
CA GLY C 16 -25.17 -47.62 -0.05
C GLY C 16 -25.03 -46.73 -1.27
N ASP C 17 -25.88 -45.70 -1.39
CA ASP C 17 -25.86 -44.79 -2.53
C ASP C 17 -24.64 -43.88 -2.48
N ARG C 18 -24.29 -43.32 -3.64
CA ARG C 18 -23.29 -42.29 -3.77
C ARG C 18 -23.95 -40.92 -3.67
N VAL C 19 -23.45 -40.08 -2.77
CA VAL C 19 -23.99 -38.75 -2.55
C VAL C 19 -22.93 -37.74 -2.98
N THR C 20 -23.34 -36.75 -3.77
CA THR C 20 -22.43 -35.69 -4.23
C THR C 20 -23.01 -34.34 -3.87
N ILE C 21 -22.18 -33.50 -3.26
CA ILE C 21 -22.54 -32.15 -2.84
C ILE C 21 -21.51 -31.19 -3.42
N THR C 22 -21.98 -30.10 -4.00
CA THR C 22 -21.11 -29.14 -4.67
C THR C 22 -21.19 -27.79 -3.96
N CYS C 23 -20.04 -27.14 -3.79
CA CYS C 23 -19.96 -25.81 -3.20
C CYS C 23 -19.10 -24.93 -4.08
N GLN C 24 -19.58 -23.72 -4.36
CA GLN C 24 -18.88 -22.80 -5.26
C GLN C 24 -18.46 -21.56 -4.49
N ALA C 25 -17.20 -21.17 -4.66
CA ALA C 25 -16.67 -19.95 -4.08
C ALA C 25 -16.62 -18.87 -5.16
N SER C 26 -16.63 -17.63 -4.71
CA SER C 26 -16.61 -16.49 -5.62
C SER C 26 -15.20 -16.10 -6.04
N GLN C 27 -14.23 -16.49 -5.22
CA GLN C 27 -12.82 -16.18 -5.47
C GLN C 27 -11.97 -17.43 -5.42
N ASP C 28 -10.80 -17.39 -6.06
CA ASP C 28 -9.87 -18.52 -6.09
C ASP C 28 -9.22 -18.70 -4.72
N ILE C 29 -9.78 -19.59 -3.90
CA ILE C 29 -9.26 -19.79 -2.56
C ILE C 29 -8.23 -20.91 -2.52
N SER C 30 -7.77 -21.36 -3.69
CA SER C 30 -6.84 -22.48 -3.79
C SER C 30 -7.53 -23.69 -3.17
N ASN C 31 -7.00 -24.27 -2.09
CA ASN C 31 -7.65 -25.42 -1.46
C ASN C 31 -8.07 -25.14 -0.02
N TYR C 32 -8.23 -23.88 0.38
CA TYR C 32 -8.50 -23.56 1.79
C TYR C 32 -9.99 -23.69 2.10
N LEU C 33 -10.52 -24.90 1.90
CA LEU C 33 -11.92 -25.17 2.09
C LEU C 33 -12.12 -26.26 3.14
N ASN C 34 -13.14 -26.11 3.96
CA ASN C 34 -13.46 -27.05 5.01
C ASN C 34 -14.88 -27.56 4.82
N TRP C 35 -15.15 -28.76 5.30
CA TRP C 35 -16.49 -29.32 5.22
C TRP C 35 -16.88 -29.85 6.59
N TYR C 36 -18.12 -29.59 6.97
CA TYR C 36 -18.65 -29.91 8.29
C TYR C 36 -19.89 -30.78 8.16
N GLN C 37 -20.11 -31.60 9.17
CA GLN C 37 -21.31 -32.42 9.28
C GLN C 37 -21.99 -32.03 10.58
N GLN C 38 -23.27 -31.67 10.50
CA GLN C 38 -24.05 -31.29 11.68
C GLN C 38 -25.27 -32.17 11.80
N LYS C 39 -25.21 -33.10 12.72
CA LYS C 39 -26.30 -33.93 13.15
C LYS C 39 -27.25 -33.13 14.04
N PRO C 40 -28.55 -33.46 14.03
CA PRO C 40 -29.51 -32.74 14.87
C PRO C 40 -29.10 -32.70 16.33
N GLY C 41 -29.06 -31.51 16.90
CA GLY C 41 -28.88 -31.38 18.33
C GLY C 41 -27.45 -31.21 18.80
N LYS C 42 -26.50 -30.98 17.90
CA LYS C 42 -25.12 -30.87 18.34
C LYS C 42 -24.32 -29.98 17.39
N ALA C 43 -23.18 -29.53 17.90
CA ALA C 43 -22.22 -28.67 17.22
C ALA C 43 -21.79 -29.21 15.87
N PRO C 44 -21.45 -28.36 14.91
CA PRO C 44 -20.88 -28.87 13.66
C PRO C 44 -19.58 -29.60 13.92
N LYS C 45 -19.30 -30.59 13.07
CA LYS C 45 -18.15 -31.47 13.21
C LYS C 45 -17.33 -31.37 11.93
N LEU C 46 -16.04 -31.06 12.07
CA LEU C 46 -15.16 -30.92 10.92
C LEU C 46 -14.81 -32.30 10.36
N LEU C 47 -15.12 -32.52 9.09
CA LEU C 47 -14.80 -33.77 8.40
C LEU C 47 -13.63 -33.59 7.43
N ILE C 48 -13.70 -32.59 6.56
CA ILE C 48 -12.68 -32.32 5.57
C ILE C 48 -12.07 -30.95 5.87
N TYR C 49 -10.75 -30.85 5.73
CA TYR C 49 -10.04 -29.58 5.73
C TYR C 49 -9.13 -29.55 4.51
N GLY C 50 -8.74 -28.35 4.10
CA GLY C 50 -7.87 -28.22 2.95
C GLY C 50 -8.43 -28.79 1.67
N ALA C 51 -9.77 -28.81 1.54
CA ALA C 51 -10.53 -29.31 0.40
C ALA C 51 -10.54 -30.84 0.28
N SER C 52 -9.38 -31.48 0.43
CA SER C 52 -9.28 -32.91 0.18
C SER C 52 -8.83 -33.72 1.39
N ASN C 53 -8.37 -33.08 2.47
CA ASN C 53 -7.86 -33.81 3.62
C ASN C 53 -9.00 -34.25 4.52
N LEU C 54 -8.93 -35.49 4.97
CA LEU C 54 -9.89 -36.03 5.91
C LEU C 54 -9.41 -35.79 7.34
N GLU C 55 -10.33 -35.40 8.21
CA GLU C 55 -10.03 -35.26 9.62
C GLU C 55 -9.72 -36.63 10.22
N THR C 56 -8.90 -36.62 11.26
CA THR C 56 -8.49 -37.87 11.87
C THR C 56 -9.70 -38.60 12.45
N GLY C 57 -9.81 -39.89 12.08
CA GLY C 57 -10.89 -40.75 12.54
C GLY C 57 -12.08 -40.85 11.60
N VAL C 58 -12.08 -40.08 10.53
CA VAL C 58 -13.26 -40.03 9.64
C VAL C 58 -13.23 -41.24 8.71
N PRO C 59 -14.35 -41.94 8.55
CA PRO C 59 -14.38 -43.10 7.65
C PRO C 59 -14.04 -42.70 6.23
N SER C 60 -13.65 -43.70 5.44
CA SER C 60 -13.19 -43.46 4.08
C SER C 60 -14.32 -43.19 3.09
N ARG C 61 -15.58 -43.35 3.49
CA ARG C 61 -16.67 -43.01 2.57
C ARG C 61 -16.82 -41.52 2.38
N PHE C 62 -16.20 -40.71 3.24
CA PHE C 62 -16.19 -39.27 3.07
C PHE C 62 -14.93 -38.84 2.33
N SER C 63 -15.09 -37.88 1.42
CA SER C 63 -13.94 -37.33 0.72
C SER C 63 -14.37 -36.02 0.08
N GLY C 64 -13.39 -35.24 -0.33
CA GLY C 64 -13.65 -33.98 -0.98
C GLY C 64 -12.58 -33.66 -1.99
N SER C 65 -12.94 -32.85 -2.97
CA SER C 65 -12.04 -32.50 -4.06
C SER C 65 -12.39 -31.11 -4.56
N GLY C 66 -11.51 -30.56 -5.38
CA GLY C 66 -11.73 -29.27 -5.98
C GLY C 66 -10.59 -28.32 -5.69
N SER C 67 -10.53 -27.22 -6.44
CA SER C 67 -9.53 -26.21 -6.22
C SER C 67 -9.94 -24.95 -6.99
N GLY C 68 -9.67 -23.79 -6.40
CA GLY C 68 -10.04 -22.55 -7.06
C GLY C 68 -11.37 -22.04 -6.56
N THR C 69 -12.45 -22.40 -7.25
CA THR C 69 -13.76 -21.91 -6.91
C THR C 69 -14.78 -23.03 -6.78
N ASP C 70 -14.54 -24.14 -7.47
CA ASP C 70 -15.50 -25.24 -7.53
C ASP C 70 -14.95 -26.41 -6.71
N PHE C 71 -15.74 -26.86 -5.74
CA PHE C 71 -15.34 -27.90 -4.81
C PHE C 71 -16.46 -28.93 -4.69
N THR C 72 -16.10 -30.14 -4.28
CA THR C 72 -17.07 -31.22 -4.18
C THR C 72 -16.87 -31.97 -2.86
N PHE C 73 -17.97 -32.40 -2.28
CA PHE C 73 -18.00 -33.26 -1.11
C PHE C 73 -18.74 -34.54 -1.49
N THR C 74 -18.16 -35.70 -1.16
CA THR C 74 -18.66 -36.98 -1.66
C THR C 74 -18.76 -38.00 -0.53
N ILE C 75 -19.94 -38.58 -0.37
CA ILE C 75 -20.15 -39.78 0.43
C ILE C 75 -20.27 -40.96 -0.54
N SER C 76 -19.26 -41.82 -0.56
CA SER C 76 -19.20 -42.89 -1.55
C SER C 76 -20.30 -43.93 -1.34
N SER C 77 -20.59 -44.27 -0.08
CA SER C 77 -21.62 -45.25 0.24
C SER C 77 -22.37 -44.76 1.48
N LEU C 78 -23.62 -44.34 1.30
CA LEU C 78 -24.36 -43.70 2.38
C LEU C 78 -24.77 -44.68 3.47
N GLN C 79 -24.50 -44.33 4.72
CA GLN C 79 -24.91 -45.10 5.87
C GLN C 79 -25.99 -44.34 6.64
N PRO C 80 -26.85 -45.03 7.40
CA PRO C 80 -27.97 -44.34 8.07
C PRO C 80 -27.56 -43.33 9.13
N GLU C 81 -26.36 -43.40 9.64
CA GLU C 81 -25.89 -42.43 10.62
C GLU C 81 -25.29 -41.21 9.96
N ASP C 82 -25.35 -41.12 8.64
CA ASP C 82 -24.80 -39.98 7.90
C ASP C 82 -25.86 -38.94 7.62
N ILE C 83 -27.06 -39.14 8.14
CA ILE C 83 -28.09 -38.13 8.02
C ILE C 83 -27.66 -36.91 8.83
N ALA C 84 -27.48 -35.79 8.15
CA ALA C 84 -26.98 -34.56 8.75
C ALA C 84 -27.01 -33.48 7.68
N THR C 85 -26.86 -32.23 8.11
CA THR C 85 -26.73 -31.10 7.22
C THR C 85 -25.25 -30.82 7.06
N TYR C 86 -24.81 -30.67 5.81
CA TYR C 86 -23.41 -30.52 5.48
C TYR C 86 -23.13 -29.11 5.01
N TYR C 87 -22.12 -28.48 5.60
CA TYR C 87 -21.74 -27.11 5.28
C TYR C 87 -20.33 -27.08 4.72
N CYS C 88 -20.16 -26.29 3.68
CA CYS C 88 -18.83 -25.87 3.27
C CYS C 88 -18.50 -24.55 3.94
N GLN C 89 -17.21 -24.26 4.02
CA GLN C 89 -16.79 -23.07 4.75
C GLN C 89 -15.45 -22.62 4.21
N GLN C 90 -15.35 -21.32 3.94
CA GLN C 90 -14.09 -20.68 3.60
C GLN C 90 -13.94 -19.45 4.47
N TYR C 91 -12.89 -19.45 5.30
CA TYR C 91 -12.61 -18.36 6.23
C TYR C 91 -13.87 -18.15 7.09
N GLU C 92 -14.37 -16.94 7.24
CA GLU C 92 -15.49 -16.74 8.14
C GLU C 92 -16.82 -17.11 7.51
N PHE C 93 -16.84 -17.43 6.23
CA PHE C 93 -18.09 -17.56 5.49
C PHE C 93 -18.49 -19.02 5.36
N PHE C 94 -19.69 -19.33 5.83
CA PHE C 94 -20.27 -20.66 5.75
C PHE C 94 -21.29 -20.69 4.63
N GLY C 95 -21.35 -21.82 3.92
CA GLY C 95 -22.37 -22.02 2.93
C GLY C 95 -23.68 -22.29 3.59
N PRO C 96 -24.77 -22.26 2.82
CA PRO C 96 -26.10 -22.43 3.41
C PRO C 96 -26.36 -23.84 3.92
N GLY C 97 -25.58 -24.82 3.50
CA GLY C 97 -25.76 -26.19 3.97
C GLY C 97 -26.62 -27.02 3.05
N THR C 98 -26.30 -28.31 2.99
CA THR C 98 -27.07 -29.29 2.24
C THR C 98 -27.56 -30.32 3.24
N LYS C 99 -28.86 -30.53 3.28
CA LYS C 99 -29.45 -31.46 4.22
C LYS C 99 -29.60 -32.81 3.51
N VAL C 100 -28.98 -33.84 4.07
CA VAL C 100 -28.98 -35.19 3.49
C VAL C 100 -29.82 -36.10 4.37
N ASP C 101 -30.86 -36.70 3.80
CA ASP C 101 -31.68 -37.66 4.51
C ASP C 101 -31.73 -38.96 3.70
N ILE C 102 -32.40 -39.97 4.24
CA ILE C 102 -32.38 -41.31 3.66
C ILE C 102 -33.78 -41.73 3.26
N LYS C 103 -33.91 -42.26 2.05
CA LYS C 103 -35.10 -42.98 1.64
C LYS C 103 -34.91 -44.49 1.82
N ARG C 104 -35.96 -45.14 2.30
CA ARG C 104 -35.98 -46.56 2.61
C ARG C 104 -37.36 -47.09 2.29
N THR C 105 -37.59 -48.35 2.66
CA THR C 105 -38.86 -48.98 2.35
C THR C 105 -39.99 -48.35 3.14
N VAL C 106 -41.19 -48.47 2.60
CA VAL C 106 -42.38 -47.95 3.23
C VAL C 106 -42.62 -48.70 4.53
N ALA C 107 -42.89 -47.95 5.60
CA ALA C 107 -43.17 -48.51 6.91
C ALA C 107 -44.45 -47.88 7.44
N ALA C 108 -45.40 -48.72 7.83
CA ALA C 108 -46.69 -48.27 8.32
C ALA C 108 -46.58 -47.78 9.76
N PRO C 109 -47.39 -46.80 10.14
CA PRO C 109 -47.33 -46.29 11.51
C PRO C 109 -48.17 -47.10 12.49
N SER C 110 -47.59 -47.33 13.66
CA SER C 110 -48.35 -47.84 14.78
C SER C 110 -48.96 -46.65 15.51
N VAL C 111 -50.27 -46.67 15.69
CA VAL C 111 -51.04 -45.52 16.18
C VAL C 111 -51.45 -45.78 17.62
N PHE C 112 -51.30 -44.77 18.46
CA PHE C 112 -51.77 -44.81 19.84
C PHE C 112 -52.50 -43.51 20.16
N ILE C 113 -53.59 -43.61 20.91
CA ILE C 113 -54.30 -42.41 21.38
C ILE C 113 -54.27 -42.39 22.90
N PHE C 114 -54.16 -41.19 23.45
CA PHE C 114 -54.05 -40.99 24.89
C PHE C 114 -55.12 -40.01 25.34
N PRO C 115 -56.01 -40.38 26.26
CA PRO C 115 -56.98 -39.42 26.80
C PRO C 115 -56.31 -38.44 27.76
N PRO C 116 -56.96 -37.33 28.07
CA PRO C 116 -56.39 -36.39 29.05
C PRO C 116 -56.39 -36.99 30.45
N SER C 117 -55.31 -36.72 31.19
CA SER C 117 -55.21 -37.19 32.56
C SER C 117 -56.13 -36.38 33.45
N ASP C 118 -56.65 -37.01 34.50
CA ASP C 118 -57.49 -36.30 35.44
C ASP C 118 -56.74 -35.20 36.17
N GLU C 119 -55.41 -35.32 36.23
CA GLU C 119 -54.59 -34.30 36.86
C GLU C 119 -54.60 -33.02 36.04
N GLN C 120 -54.56 -33.13 34.71
CA GLN C 120 -54.62 -31.94 33.87
C GLN C 120 -56.01 -31.32 33.86
N LEU C 121 -57.05 -32.13 34.05
CA LEU C 121 -58.39 -31.56 34.08
C LEU C 121 -58.59 -30.60 35.23
N LYS C 122 -57.77 -30.68 36.27
CA LYS C 122 -57.88 -29.77 37.39
C LYS C 122 -57.48 -28.34 37.02
N SER C 123 -56.66 -28.17 36.00
CA SER C 123 -56.25 -26.86 35.52
C SER C 123 -57.22 -26.28 34.51
N GLY C 124 -58.27 -27.02 34.16
CA GLY C 124 -59.28 -26.54 33.24
C GLY C 124 -59.03 -26.84 31.78
N THR C 125 -57.99 -27.60 31.46
CA THR C 125 -57.63 -27.89 30.08
C THR C 125 -57.47 -29.39 29.88
N ALA C 126 -57.74 -29.84 28.65
CA ALA C 126 -57.64 -31.25 28.27
C ALA C 126 -56.82 -31.38 26.99
N SER C 127 -55.77 -32.19 27.04
CA SER C 127 -54.95 -32.49 25.88
C SER C 127 -55.19 -33.92 25.44
N VAL C 128 -55.49 -34.11 24.17
CA VAL C 128 -55.65 -35.44 23.56
C VAL C 128 -54.46 -35.65 22.63
N VAL C 129 -53.81 -36.80 22.78
CA VAL C 129 -52.53 -37.09 22.12
C VAL C 129 -52.68 -38.33 21.23
N CYS C 130 -52.17 -38.22 20.00
CA CYS C 130 -52.16 -39.32 19.04
C CYS C 130 -50.72 -39.57 18.61
N LEU C 131 -50.24 -40.79 18.83
CA LEU C 131 -48.85 -41.15 18.58
C LEU C 131 -48.75 -41.97 17.29
N LEU C 132 -47.77 -41.62 16.45
CA LEU C 132 -47.41 -42.38 15.26
C LEU C 132 -45.94 -42.75 15.41
N ASN C 133 -45.64 -44.04 15.53
CA ASN C 133 -44.30 -44.45 15.90
C ASN C 133 -43.62 -45.22 14.78
N ASN C 134 -42.47 -44.70 14.32
CA ASN C 134 -41.55 -45.39 13.40
C ASN C 134 -42.22 -45.70 12.06
N PHE C 135 -42.40 -44.65 11.28
CA PHE C 135 -42.96 -44.76 9.94
C PHE C 135 -42.03 -44.15 8.90
N TYR C 136 -42.34 -44.45 7.64
CA TYR C 136 -41.71 -43.86 6.46
C TYR C 136 -42.71 -44.06 5.34
N PRO C 137 -42.91 -43.09 4.44
CA PRO C 137 -42.25 -41.78 4.30
C PRO C 137 -42.77 -40.79 5.34
N ARG C 138 -42.29 -39.54 5.40
CA ARG C 138 -42.76 -38.61 6.44
C ARG C 138 -44.22 -38.26 6.27
N GLU C 139 -44.69 -38.19 5.04
CA GLU C 139 -46.03 -37.72 4.78
C GLU C 139 -47.09 -38.59 5.42
N ALA C 140 -47.88 -37.98 6.28
CA ALA C 140 -49.02 -38.62 6.91
C ALA C 140 -50.06 -37.55 7.17
N LYS C 141 -51.31 -37.98 7.33
CA LYS C 141 -52.40 -37.08 7.65
C LYS C 141 -53.11 -37.60 8.88
N VAL C 142 -53.16 -36.77 9.93
CA VAL C 142 -53.86 -37.11 11.18
C VAL C 142 -55.07 -36.19 11.28
N GLN C 143 -56.24 -36.78 11.37
CA GLN C 143 -57.48 -36.06 11.53
C GLN C 143 -58.03 -36.36 12.91
N TRP C 144 -58.46 -35.34 13.62
CA TRP C 144 -59.12 -35.50 14.91
C TRP C 144 -60.62 -35.50 14.66
N LYS C 145 -61.32 -36.47 15.23
CA LYS C 145 -62.76 -36.54 15.06
C LYS C 145 -63.39 -36.64 16.43
N VAL C 146 -64.32 -35.73 16.72
CA VAL C 146 -64.98 -35.69 18.01
C VAL C 146 -66.47 -35.77 17.74
N ASP C 147 -67.11 -36.83 18.25
CA ASP C 147 -68.49 -37.15 17.90
C ASP C 147 -68.64 -37.16 16.38
N ASN C 148 -67.68 -37.80 15.71
CA ASN C 148 -67.68 -37.99 14.27
C ASN C 148 -67.62 -36.67 13.50
N ALA C 149 -67.14 -35.61 14.14
CA ALA C 149 -67.00 -34.30 13.52
C ALA C 149 -65.51 -33.97 13.38
N LEU C 150 -65.10 -33.64 12.17
CA LEU C 150 -63.70 -33.32 11.88
C LEU C 150 -63.30 -32.04 12.60
N GLN C 151 -62.25 -32.12 13.40
CA GLN C 151 -61.70 -30.95 14.07
C GLN C 151 -60.49 -30.44 13.28
N SER C 152 -60.42 -29.12 13.13
CA SER C 152 -59.31 -28.48 12.44
C SER C 152 -59.16 -27.08 13.03
N GLY C 153 -57.93 -26.73 13.40
CA GLY C 153 -57.61 -25.43 13.96
C GLY C 153 -57.31 -25.43 15.45
N ASN C 154 -57.48 -26.56 16.13
CA ASN C 154 -57.22 -26.66 17.56
C ASN C 154 -56.27 -27.82 17.88
N SER C 155 -55.40 -28.17 16.95
CA SER C 155 -54.42 -29.23 17.12
C SER C 155 -53.07 -28.78 16.59
N GLN C 156 -52.00 -29.31 17.20
CA GLN C 156 -50.64 -29.02 16.77
C GLN C 156 -49.84 -30.31 16.67
N GLU C 157 -49.07 -30.45 15.60
CA GLU C 157 -48.25 -31.63 15.34
C GLU C 157 -46.78 -31.37 15.64
N SER C 158 -46.08 -32.43 16.02
CA SER C 158 -44.64 -32.41 16.18
C SER C 158 -44.07 -33.70 15.61
N VAL C 159 -43.06 -33.57 14.78
CA VAL C 159 -42.41 -34.70 14.15
C VAL C 159 -40.95 -34.73 14.59
N THR C 160 -40.45 -35.91 14.86
CA THR C 160 -39.05 -36.04 15.25
C THR C 160 -38.17 -35.97 14.01
N GLU C 161 -36.88 -35.72 14.24
CA GLU C 161 -35.93 -35.89 13.16
C GLU C 161 -35.82 -37.39 12.84
N GLN C 162 -35.38 -37.67 11.61
CA GLN C 162 -35.35 -39.04 11.15
C GLN C 162 -34.38 -39.86 11.99
N ASP C 163 -34.83 -41.04 12.40
CA ASP C 163 -34.06 -41.86 13.32
C ASP C 163 -32.74 -42.27 12.66
N SER C 164 -31.66 -42.24 13.44
CA SER C 164 -30.33 -42.50 12.91
C SER C 164 -30.05 -43.98 12.66
N LYS C 165 -30.89 -44.87 13.18
CA LYS C 165 -30.73 -46.32 12.99
C LYS C 165 -31.57 -46.81 11.81
N ASP C 166 -32.90 -46.77 11.98
CA ASP C 166 -33.84 -47.33 11.02
C ASP C 166 -34.43 -46.31 10.06
N SER C 167 -34.01 -45.05 10.13
CA SER C 167 -34.37 -44.01 9.17
C SER C 167 -35.87 -43.77 9.10
N THR C 168 -36.58 -43.92 10.23
CA THR C 168 -38.01 -43.66 10.29
C THR C 168 -38.27 -42.36 11.03
N TYR C 169 -39.54 -41.96 11.04
CA TYR C 169 -40.02 -40.76 11.71
C TYR C 169 -41.08 -41.13 12.73
N SER C 170 -41.28 -40.24 13.70
CA SER C 170 -42.39 -40.34 14.64
C SER C 170 -43.10 -38.99 14.69
N LEU C 171 -44.42 -39.03 14.86
CA LEU C 171 -45.24 -37.83 14.84
C LEU C 171 -46.20 -37.86 16.02
N SER C 172 -46.42 -36.69 16.61
CA SER C 172 -47.41 -36.52 17.65
C SER C 172 -48.31 -35.35 17.27
N SER C 173 -49.61 -35.52 17.50
CA SER C 173 -50.59 -34.47 17.27
C SER C 173 -51.41 -34.28 18.55
N THR C 174 -51.45 -33.05 19.05
CA THR C 174 -52.08 -32.76 20.32
C THR C 174 -53.28 -31.84 20.11
N LEU C 175 -54.46 -32.33 20.46
CA LEU C 175 -55.69 -31.55 20.44
C LEU C 175 -55.92 -30.94 21.81
N THR C 176 -56.03 -29.60 21.87
CA THR C 176 -56.20 -28.88 23.13
C THR C 176 -57.62 -28.32 23.15
N LEU C 177 -58.39 -28.72 24.17
CA LEU C 177 -59.71 -28.20 24.40
C LEU C 177 -59.86 -27.75 25.85
N SER C 178 -60.87 -26.93 26.10
CA SER C 178 -61.20 -26.58 27.47
C SER C 178 -61.88 -27.77 28.16
N LYS C 179 -61.81 -27.78 29.49
CA LYS C 179 -62.45 -28.86 30.24
C LYS C 179 -63.96 -28.88 30.01
N ALA C 180 -64.57 -27.70 29.97
CA ALA C 180 -66.01 -27.62 29.70
C ALA C 180 -66.34 -28.15 28.32
N ASP C 181 -65.52 -27.80 27.32
CA ASP C 181 -65.77 -28.27 25.96
C ASP C 181 -65.52 -29.76 25.86
N TYR C 182 -64.63 -30.30 26.69
CA TYR C 182 -64.25 -31.71 26.66
C TYR C 182 -65.37 -32.60 27.17
N GLU C 183 -66.08 -32.18 28.20
CA GLU C 183 -67.15 -32.98 28.79
C GLU C 183 -68.45 -32.91 28.00
N LYS C 184 -68.48 -32.16 26.91
CA LYS C 184 -69.68 -32.05 26.08
C LYS C 184 -69.67 -33.01 24.90
N HIS C 185 -68.67 -33.89 24.79
CA HIS C 185 -68.60 -34.87 23.72
C HIS C 185 -68.17 -36.21 24.29
N LYS C 186 -68.46 -37.26 23.54
CA LYS C 186 -68.26 -38.62 24.00
C LYS C 186 -67.07 -39.28 23.32
N VAL C 187 -67.12 -39.43 22.01
CA VAL C 187 -66.15 -40.21 21.24
C VAL C 187 -65.02 -39.31 20.76
N TYR C 188 -63.79 -39.69 21.07
CA TYR C 188 -62.60 -38.98 20.63
C TYR C 188 -61.72 -39.93 19.83
N ALA C 189 -61.34 -39.53 18.61
CA ALA C 189 -60.65 -40.43 17.70
C ALA C 189 -59.65 -39.65 16.86
N CYS C 190 -58.55 -40.31 16.51
CA CYS C 190 -57.62 -39.79 15.52
C CYS C 190 -57.47 -40.82 14.41
N GLU C 191 -57.72 -40.41 13.17
CA GLU C 191 -57.63 -41.28 12.01
C GLU C 191 -56.39 -40.93 11.20
N VAL C 192 -55.60 -41.95 10.85
CA VAL C 192 -54.32 -41.75 10.19
C VAL C 192 -54.39 -42.29 8.77
N THR C 193 -53.86 -41.51 7.84
CA THR C 193 -53.70 -41.90 6.45
C THR C 193 -52.23 -41.88 6.10
N HIS C 194 -51.71 -43.01 5.64
CA HIS C 194 -50.29 -43.14 5.36
C HIS C 194 -50.12 -44.09 4.19
N GLN C 195 -49.00 -43.94 3.48
CA GLN C 195 -48.75 -44.75 2.30
C GLN C 195 -48.66 -46.24 2.63
N GLY C 196 -48.14 -46.58 3.80
CA GLY C 196 -48.02 -47.94 4.26
C GLY C 196 -49.28 -48.56 4.80
N LEU C 197 -50.38 -47.82 4.84
CA LEU C 197 -51.65 -48.34 5.34
C LEU C 197 -52.62 -48.43 4.17
N SER C 198 -53.00 -49.65 3.81
CA SER C 198 -53.94 -49.86 2.71
C SER C 198 -55.29 -49.21 2.98
N SER C 199 -55.64 -48.99 4.25
CA SER C 199 -56.84 -48.31 4.67
C SER C 199 -56.51 -47.46 5.89
N PRO C 200 -57.21 -46.34 6.09
CA PRO C 200 -56.97 -45.50 7.27
C PRO C 200 -57.17 -46.24 8.59
N VAL C 201 -56.33 -45.89 9.57
CA VAL C 201 -56.38 -46.47 10.91
C VAL C 201 -56.93 -45.44 11.87
N THR C 202 -57.95 -45.83 12.65
CA THR C 202 -58.62 -44.94 13.59
C THR C 202 -58.50 -45.50 15.01
N LYS C 203 -57.84 -44.75 15.89
CA LYS C 203 -57.76 -45.11 17.30
C LYS C 203 -58.67 -44.17 18.07
N SER C 204 -59.61 -44.73 18.82
CA SER C 204 -60.61 -43.91 19.50
C SER C 204 -60.76 -44.38 20.94
N PHE C 205 -61.35 -43.49 21.75
CA PHE C 205 -61.71 -43.81 23.12
C PHE C 205 -62.99 -43.07 23.46
N ASN C 206 -63.71 -43.59 24.45
CA ASN C 206 -64.89 -42.94 25.00
C ASN C 206 -64.52 -42.26 26.31
N ARG C 207 -64.90 -41.00 26.45
CA ARG C 207 -64.64 -40.26 27.68
C ARG C 207 -65.35 -40.91 28.86
N GLY C 208 -64.64 -41.03 29.97
CA GLY C 208 -65.19 -41.61 31.19
C GLY C 208 -65.03 -43.11 31.32
N GLU C 209 -64.52 -43.78 30.29
CA GLU C 209 -64.32 -45.22 30.35
C GLU C 209 -63.29 -45.52 31.42
N ASP D 4 -2.04 -13.10 -35.25
CA ASP D 4 -3.46 -13.17 -34.96
C ASP D 4 -3.80 -12.63 -33.56
N THR D 5 -2.95 -12.87 -32.56
CA THR D 5 -3.12 -12.29 -31.24
C THR D 5 -1.82 -11.67 -30.76
N ILE D 6 -1.94 -10.77 -29.79
CA ILE D 6 -0.81 -10.24 -29.03
C ILE D 6 -0.88 -10.83 -27.64
N THR D 7 0.24 -11.35 -27.16
CA THR D 7 0.31 -12.14 -25.94
C THR D 7 0.98 -11.36 -24.81
N LEU D 8 0.36 -11.39 -23.62
CA LEU D 8 0.93 -10.72 -22.47
C LEU D 8 1.31 -11.75 -21.41
N PRO D 9 2.61 -11.95 -21.13
CA PRO D 9 3.00 -12.83 -20.04
C PRO D 9 2.66 -12.20 -18.69
N CYS D 10 1.87 -12.91 -17.89
CA CYS D 10 1.45 -12.40 -16.60
C CYS D 10 2.04 -13.28 -15.49
N ARG D 11 2.15 -12.69 -14.30
CA ARG D 11 2.51 -13.39 -13.07
C ARG D 11 1.74 -12.74 -11.92
N PRO D 12 0.90 -13.46 -11.17
CA PRO D 12 0.49 -14.87 -11.34
C PRO D 12 -0.44 -15.07 -12.52
N ALA D 13 -0.97 -16.29 -12.66
CA ALA D 13 -1.81 -16.69 -13.77
C ALA D 13 -3.25 -16.25 -13.55
N PRO D 14 -3.75 -15.29 -14.31
CA PRO D 14 -5.12 -14.83 -14.13
C PRO D 14 -6.09 -15.86 -14.66
N PRO D 15 -7.12 -16.19 -13.88
CA PRO D 15 -8.09 -17.20 -14.29
C PRO D 15 -8.92 -16.72 -15.47
N PRO D 16 -9.72 -17.60 -16.08
CA PRO D 16 -10.55 -17.18 -17.21
C PRO D 16 -11.59 -16.12 -16.87
N HIS D 17 -12.15 -16.16 -15.66
CA HIS D 17 -13.16 -15.18 -15.27
C HIS D 17 -12.58 -13.81 -14.95
N CYS D 18 -11.27 -13.60 -15.06
CA CYS D 18 -10.67 -12.28 -14.96
C CYS D 18 -10.54 -11.58 -16.31
N SER D 19 -11.07 -12.18 -17.38
CA SER D 19 -11.04 -11.53 -18.68
C SER D 19 -11.86 -10.25 -18.65
N SER D 20 -11.35 -9.20 -19.29
CA SER D 20 -11.94 -7.86 -19.22
C SER D 20 -12.02 -7.23 -20.60
N ASN D 21 -12.59 -6.03 -20.63
CA ASN D 21 -12.66 -5.19 -21.82
C ASN D 21 -11.78 -3.97 -21.61
N ILE D 22 -10.83 -3.75 -22.51
CA ILE D 22 -10.02 -2.54 -22.47
C ILE D 22 -10.86 -1.36 -22.92
N THR D 23 -11.03 -0.38 -22.03
CA THR D 23 -11.79 0.82 -22.32
C THR D 23 -10.93 2.07 -22.44
N GLY D 24 -9.64 1.99 -22.17
CA GLY D 24 -8.78 3.13 -22.38
C GLY D 24 -7.38 2.84 -21.86
N LEU D 25 -6.53 3.84 -21.97
CA LEU D 25 -5.15 3.71 -21.54
C LEU D 25 -4.61 5.09 -21.19
N ILE D 26 -3.38 5.11 -20.70
CA ILE D 26 -2.73 6.35 -20.26
C ILE D 26 -1.29 6.35 -20.75
N LEU D 27 -0.86 7.47 -21.34
CA LEU D 27 0.39 7.51 -22.08
C LEU D 27 1.31 8.62 -21.55
N THR D 28 2.58 8.55 -21.99
CA THR D 28 3.58 9.59 -21.74
C THR D 28 4.32 9.85 -23.04
N ARG D 29 4.35 11.11 -23.45
CA ARG D 29 5.05 11.50 -24.67
C ARG D 29 6.52 11.73 -24.35
N GLN D 30 7.39 11.17 -25.15
CA GLN D 30 8.81 11.30 -24.88
C GLN D 30 9.29 12.72 -25.20
N GLY D 31 10.07 13.29 -24.28
CA GLY D 31 10.51 14.66 -24.41
C GLY D 31 11.83 14.77 -25.14
N GLY D 32 12.35 15.99 -25.18
CA GLY D 32 13.59 16.28 -25.87
C GLY D 32 13.37 16.64 -27.32
N TYR D 33 14.45 17.08 -27.96
CA TYR D 33 14.40 17.37 -29.40
C TYR D 33 14.26 16.09 -30.21
N SER D 34 13.50 16.17 -31.29
CA SER D 34 13.18 14.99 -32.09
C SER D 34 14.05 14.85 -33.32
N ASN D 35 14.57 15.95 -33.85
CA ASN D 35 15.43 16.04 -35.04
C ASN D 35 14.95 15.12 -36.16
N ALA D 36 13.63 14.91 -36.22
CA ALA D 36 12.96 14.02 -37.16
C ALA D 36 11.47 14.27 -37.01
N ASN D 37 10.69 13.78 -37.97
CA ASN D 37 9.26 14.09 -38.00
C ASN D 37 8.43 13.09 -37.21
N THR D 38 8.88 12.71 -36.02
CA THR D 38 8.21 11.67 -35.25
C THR D 38 7.85 12.16 -33.85
N VAL D 39 6.80 11.57 -33.28
CA VAL D 39 6.37 11.80 -31.90
C VAL D 39 6.19 10.44 -31.24
N ILE D 40 6.86 10.23 -30.11
CA ILE D 40 6.97 8.94 -29.45
C ILE D 40 6.11 8.93 -28.20
N PHE D 41 5.37 7.85 -27.99
CA PHE D 41 4.50 7.65 -26.84
C PHE D 41 4.78 6.30 -26.21
N ARG D 42 4.70 6.24 -24.89
CA ARG D 42 4.93 5.05 -24.10
C ARG D 42 3.83 4.98 -23.04
N PRO D 43 3.65 3.83 -22.39
CA PRO D 43 2.74 3.80 -21.23
C PRO D 43 3.21 4.78 -20.17
N SER D 44 2.24 5.28 -19.40
CA SER D 44 2.43 6.43 -18.52
C SER D 44 3.59 6.26 -17.57
N GLY D 45 4.43 7.30 -17.48
CA GLY D 45 5.48 7.40 -16.49
C GLY D 45 5.08 8.03 -15.19
N GLY D 46 3.80 8.32 -15.03
CA GLY D 46 3.28 8.91 -13.81
C GLY D 46 3.07 7.88 -12.72
N ASP D 47 2.07 8.11 -11.88
CA ASP D 47 1.76 7.20 -10.80
C ASP D 47 0.25 7.10 -10.70
N TRP D 48 -0.24 6.68 -9.53
CA TRP D 48 -1.68 6.48 -9.36
C TRP D 48 -2.47 7.77 -9.44
N ARG D 49 -1.81 8.93 -9.33
CA ARG D 49 -2.54 10.17 -9.38
C ARG D 49 -2.83 10.58 -10.82
N ASP D 50 -1.89 10.30 -11.73
CA ASP D 50 -2.17 10.46 -13.16
C ASP D 50 -3.33 9.56 -13.58
N ILE D 51 -3.36 8.32 -13.09
CA ILE D 51 -4.46 7.42 -13.36
C ILE D 51 -5.75 7.94 -12.76
N ALA D 52 -5.68 8.50 -11.54
CA ALA D 52 -6.87 8.94 -10.84
C ALA D 52 -7.53 10.13 -11.55
N ARG D 53 -6.72 11.05 -12.09
CA ARG D 53 -7.25 12.22 -12.78
C ARG D 53 -7.84 11.88 -14.15
N CYS D 54 -7.71 10.64 -14.61
CA CYS D 54 -8.36 10.22 -15.84
C CYS D 54 -9.88 10.17 -15.71
N GLN D 55 -10.36 9.72 -14.56
CA GLN D 55 -11.78 9.71 -14.23
C GLN D 55 -12.59 8.83 -15.18
N ILE D 56 -11.96 7.86 -15.84
CA ILE D 56 -12.66 7.00 -16.79
C ILE D 56 -12.62 5.53 -16.39
N ALA D 57 -12.18 5.25 -15.18
CA ALA D 57 -12.15 3.88 -14.70
C ALA D 57 -13.48 3.50 -14.09
N GLY D 58 -13.72 2.19 -13.99
CA GLY D 58 -14.97 1.71 -13.44
C GLY D 58 -14.77 1.13 -12.06
N THR D 59 -14.71 -0.19 -11.97
CA THR D 59 -14.46 -0.87 -10.70
C THR D 59 -13.24 -1.80 -10.79
N VAL D 60 -12.31 -1.53 -11.70
CA VAL D 60 -11.10 -2.33 -11.87
C VAL D 60 -9.90 -1.45 -11.57
N VAL D 61 -9.14 -1.80 -10.55
CA VAL D 61 -7.90 -1.08 -10.21
C VAL D 61 -6.81 -1.59 -11.13
N SER D 62 -6.30 -0.72 -12.01
CA SER D 62 -5.26 -1.16 -12.94
C SER D 62 -4.37 0.01 -13.37
N THR D 63 -3.15 -0.34 -13.77
CA THR D 63 -2.21 0.62 -14.34
C THR D 63 -2.11 0.40 -15.85
N GLN D 64 -1.64 1.44 -16.53
CA GLN D 64 -1.38 1.47 -17.98
C GLN D 64 -2.65 1.36 -18.83
N LEU D 65 -3.39 0.27 -18.69
CA LEU D 65 -4.64 0.06 -19.41
C LEU D 65 -5.81 0.05 -18.46
N PHE D 66 -6.92 0.60 -18.89
CA PHE D 66 -8.13 0.69 -18.09
C PHE D 66 -9.08 -0.41 -18.53
N LEU D 67 -9.62 -1.14 -17.58
CA LEU D 67 -10.44 -2.31 -17.85
C LEU D 67 -11.85 -2.05 -17.35
N ASN D 68 -12.84 -2.50 -18.13
CA ASN D 68 -14.24 -2.47 -17.73
C ASN D 68 -14.70 -1.07 -17.34
N GLY D 69 -14.11 -0.06 -17.95
CA GLY D 69 -14.45 1.32 -17.69
C GLY D 69 -15.55 1.81 -18.60
N SER D 70 -15.67 3.12 -18.70
CA SER D 70 -16.67 3.76 -19.54
C SER D 70 -16.07 4.10 -20.90
N LEU D 71 -16.87 3.90 -21.94
CA LEU D 71 -16.49 4.22 -23.31
C LEU D 71 -17.09 5.56 -23.73
N ALA D 72 -16.40 6.23 -24.66
CA ALA D 72 -16.92 7.45 -25.25
C ALA D 72 -18.12 7.17 -26.14
N GLU D 73 -18.76 8.26 -26.57
CA GLU D 73 -20.00 8.23 -27.32
C GLU D 73 -19.83 8.44 -28.82
N GLU D 74 -18.71 9.03 -29.25
CA GLU D 74 -18.54 9.38 -30.65
C GLU D 74 -17.26 8.79 -31.22
N GLU D 75 -16.10 9.07 -30.63
CA GLU D 75 -14.87 8.43 -31.05
C GLU D 75 -13.87 8.49 -29.91
N VAL D 76 -12.67 7.96 -30.16
CA VAL D 76 -11.60 7.99 -29.17
C VAL D 76 -11.41 9.42 -28.70
N VAL D 77 -11.24 9.59 -27.39
CA VAL D 77 -11.01 10.88 -26.78
C VAL D 77 -9.66 10.86 -26.07
N ILE D 78 -8.84 11.85 -26.36
CA ILE D 78 -7.55 12.01 -25.70
C ILE D 78 -7.61 13.32 -24.91
N ARG D 79 -7.12 13.27 -23.69
CA ARG D 79 -7.18 14.41 -22.80
C ARG D 79 -5.83 14.56 -22.13
N SER D 80 -5.48 15.81 -21.81
CA SER D 80 -4.24 16.04 -21.08
C SER D 80 -4.40 17.34 -20.29
N GLU D 81 -3.67 17.49 -19.20
CA GLU D 81 -3.72 18.77 -18.48
C GLU D 81 -3.01 19.80 -19.34
N ASP D 82 -1.78 19.51 -19.74
CA ASP D 82 -1.05 20.41 -20.64
C ASP D 82 -0.40 19.57 -21.74
N TRP D 83 -0.81 19.78 -22.99
CA TRP D 83 -0.28 18.98 -24.10
C TRP D 83 1.21 19.12 -24.30
N ARG D 84 1.71 20.34 -24.18
CA ARG D 84 3.14 20.57 -24.38
C ARG D 84 3.99 20.16 -23.18
N ASP D 85 3.35 19.67 -22.13
CA ASP D 85 4.07 19.30 -20.92
C ASP D 85 4.22 17.78 -20.94
N ASN D 86 5.44 17.29 -21.18
CA ASN D 86 5.62 15.84 -21.24
C ASN D 86 5.54 15.19 -19.87
N ALA D 87 5.47 15.98 -18.80
CA ALA D 87 5.25 15.48 -17.45
C ALA D 87 3.77 15.31 -17.11
N LYS D 88 2.87 15.71 -17.99
CA LYS D 88 1.45 15.43 -17.84
C LYS D 88 1.12 14.16 -18.64
N SER D 89 0.39 13.25 -18.02
CA SER D 89 -0.02 12.04 -18.74
C SER D 89 -1.13 12.34 -19.74
N ILE D 90 -1.16 11.54 -20.80
CA ILE D 90 -2.18 11.62 -21.84
C ILE D 90 -3.19 10.52 -21.57
N CYS D 91 -4.42 10.89 -21.32
CA CYS D 91 -5.47 9.94 -21.05
C CYS D 91 -6.18 9.56 -22.33
N VAL D 92 -6.32 8.27 -22.59
CA VAL D 92 -6.99 7.78 -23.78
C VAL D 92 -8.26 7.08 -23.33
N GLN D 93 -9.38 7.52 -23.86
CA GLN D 93 -10.66 6.88 -23.64
C GLN D 93 -11.08 6.29 -24.98
N LEU D 94 -11.36 4.99 -24.99
CA LEU D 94 -11.76 4.36 -26.24
C LEU D 94 -13.26 4.46 -26.43
N ALA D 95 -13.67 4.37 -27.69
CA ALA D 95 -15.08 4.32 -28.04
C ALA D 95 -15.59 2.90 -28.25
N THR D 96 -14.74 2.01 -28.73
CA THR D 96 -15.03 0.58 -28.79
C THR D 96 -14.03 -0.15 -27.90
N SER D 97 -14.54 -1.02 -27.05
CA SER D 97 -13.69 -1.78 -26.15
C SER D 97 -12.97 -2.90 -26.90
N VAL D 98 -11.83 -3.29 -26.34
CA VAL D 98 -10.99 -4.36 -26.87
C VAL D 98 -10.92 -5.44 -25.81
N GLU D 99 -11.42 -6.62 -26.13
CA GLU D 99 -11.42 -7.70 -25.15
C GLU D 99 -10.00 -8.15 -24.84
N ILE D 100 -9.71 -8.32 -23.57
CA ILE D 100 -8.51 -9.02 -23.11
C ILE D 100 -8.98 -10.29 -22.39
N ALA D 101 -8.50 -11.43 -22.86
CA ALA D 101 -8.90 -12.72 -22.32
C ALA D 101 -7.69 -13.39 -21.71
N CYS D 102 -7.83 -13.89 -20.49
CA CYS D 102 -6.78 -14.65 -19.83
C CYS D 102 -7.24 -16.10 -19.71
N THR D 103 -6.33 -17.03 -20.02
CA THR D 103 -6.70 -18.43 -20.13
C THR D 103 -6.45 -19.22 -18.84
N GLY D 104 -5.76 -18.63 -17.88
CA GLY D 104 -5.36 -19.34 -16.67
C GLY D 104 -4.04 -20.07 -16.78
N ALA D 105 -3.39 -20.04 -17.93
CA ALA D 105 -2.14 -20.76 -18.13
C ALA D 105 -0.91 -19.87 -17.98
N GLY D 106 -1.08 -18.57 -17.72
CA GLY D 106 0.10 -17.73 -17.57
C GLY D 106 0.23 -16.61 -18.58
N HIS D 107 -0.80 -16.38 -19.39
CA HIS D 107 -0.75 -15.31 -20.37
C HIS D 107 -2.17 -14.86 -20.68
N CYS D 108 -2.30 -13.61 -21.13
CA CYS D 108 -3.56 -13.06 -21.60
C CYS D 108 -3.37 -12.63 -23.06
N ALA D 109 -4.48 -12.58 -23.80
CA ALA D 109 -4.40 -12.41 -25.24
C ALA D 109 -5.32 -11.31 -25.73
N ILE D 110 -4.85 -10.55 -26.71
CA ILE D 110 -5.60 -9.51 -27.37
C ILE D 110 -5.45 -9.70 -28.87
N SER D 111 -6.56 -9.58 -29.61
CA SER D 111 -6.48 -9.69 -31.07
C SER D 111 -5.55 -8.64 -31.66
N ARG D 112 -4.71 -9.06 -32.61
CA ARG D 112 -3.75 -8.15 -33.23
C ARG D 112 -4.41 -7.23 -34.23
N ALA D 113 -5.44 -7.70 -34.92
CA ALA D 113 -6.17 -6.85 -35.85
C ALA D 113 -7.02 -5.83 -35.11
N LYS D 114 -7.61 -6.23 -34.00
CA LYS D 114 -8.43 -5.30 -33.22
C LYS D 114 -7.57 -4.24 -32.54
N TRP D 115 -6.45 -4.66 -31.94
CA TRP D 115 -5.57 -3.70 -31.29
C TRP D 115 -4.91 -2.76 -32.28
N ALA D 116 -4.50 -3.28 -33.44
CA ALA D 116 -3.89 -2.42 -34.45
C ALA D 116 -4.90 -1.41 -34.97
N ASN D 117 -6.18 -1.74 -34.94
CA ASN D 117 -7.20 -0.79 -35.35
C ASN D 117 -7.32 0.36 -34.36
N THR D 118 -7.26 0.06 -33.06
CA THR D 118 -7.33 1.09 -32.05
C THR D 118 -6.10 1.97 -32.06
N LEU D 119 -4.92 1.38 -32.22
CA LEU D 119 -3.69 2.15 -32.24
C LEU D 119 -3.70 3.15 -33.40
N LYS D 120 -4.27 2.76 -34.53
CA LYS D 120 -4.40 3.66 -35.66
C LYS D 120 -5.32 4.83 -35.32
N GLN D 121 -6.42 4.56 -34.62
CA GLN D 121 -7.33 5.64 -34.26
C GLN D 121 -6.69 6.58 -33.24
N ILE D 122 -5.93 6.02 -32.30
CA ILE D 122 -5.26 6.84 -31.29
C ILE D 122 -4.20 7.71 -31.94
N ALA D 123 -3.38 7.11 -32.80
CA ALA D 123 -2.37 7.89 -33.50
C ALA D 123 -3.00 8.95 -34.39
N SER D 124 -4.20 8.68 -34.92
CA SER D 124 -4.88 9.66 -35.74
C SER D 124 -5.35 10.87 -34.93
N LYS D 125 -5.79 10.66 -33.68
CA LYS D 125 -6.24 11.73 -32.81
C LYS D 125 -5.06 12.48 -32.22
N LEU D 126 -3.95 11.79 -31.97
CA LEU D 126 -2.77 12.46 -31.48
C LEU D 126 -2.22 13.43 -32.51
N ARG D 127 -2.48 13.16 -33.79
CA ARG D 127 -2.04 14.08 -34.83
C ARG D 127 -2.81 15.40 -34.82
N GLU D 128 -4.02 15.40 -34.24
CA GLU D 128 -4.76 16.64 -34.02
C GLU D 128 -4.09 17.58 -33.02
N GLN D 129 -3.30 17.04 -32.08
CA GLN D 129 -2.61 17.85 -31.10
C GLN D 129 -1.12 18.00 -31.37
N TYR D 130 -0.52 17.14 -32.21
CA TYR D 130 0.91 17.16 -32.45
C TYR D 130 1.32 17.28 -33.92
N GLY D 131 0.38 17.26 -34.85
CA GLY D 131 0.65 17.57 -36.24
C GLY D 131 0.79 16.34 -37.13
N ALA D 132 1.13 16.63 -38.40
CA ALA D 132 1.31 15.61 -39.43
C ALA D 132 2.70 15.00 -39.27
N LYS D 133 2.85 14.24 -38.20
CA LYS D 133 4.10 13.59 -37.85
C LYS D 133 3.87 12.09 -37.68
N THR D 134 4.97 11.34 -37.73
CA THR D 134 4.93 9.91 -37.51
C THR D 134 4.76 9.59 -36.03
N ILE D 135 3.76 8.79 -35.71
CA ILE D 135 3.41 8.41 -34.35
C ILE D 135 3.99 7.03 -34.06
N ILE D 136 4.83 6.94 -33.03
CA ILE D 136 5.52 5.71 -32.67
C ILE D 136 5.16 5.35 -31.24
N PHE D 137 4.69 4.12 -31.03
CA PHE D 137 4.50 3.59 -29.69
C PHE D 137 5.68 2.70 -29.33
N LYS D 138 6.25 2.93 -28.14
CA LYS D 138 7.38 2.20 -27.61
C LYS D 138 7.00 1.64 -26.25
N PRO D 139 7.75 0.66 -25.74
CA PRO D 139 7.42 0.09 -24.44
C PRO D 139 7.70 1.07 -23.32
N SER D 140 7.26 0.68 -22.12
CA SER D 140 7.46 1.50 -20.94
C SER D 140 8.94 1.82 -20.79
N SER D 141 9.22 3.08 -20.44
CA SER D 141 10.59 3.53 -20.24
C SER D 141 11.24 2.88 -19.02
N GLY D 142 10.45 2.25 -18.16
CA GLY D 142 10.93 1.64 -16.94
C GLY D 142 10.06 2.01 -15.76
N GLY D 143 10.49 1.56 -14.58
CA GLY D 143 9.82 1.86 -13.34
C GLY D 143 9.66 0.63 -12.48
N ASP D 144 8.83 0.76 -11.47
CA ASP D 144 8.54 -0.31 -10.53
C ASP D 144 7.57 -1.31 -11.14
N PRO D 145 7.58 -2.56 -10.64
CA PRO D 145 6.79 -3.61 -11.30
C PRO D 145 5.34 -3.26 -11.58
N GLU D 146 4.61 -2.67 -10.63
CA GLU D 146 3.21 -2.40 -10.88
C GLU D 146 3.00 -1.27 -11.90
N PHE D 147 4.04 -0.54 -12.29
CA PHE D 147 3.89 0.51 -13.30
C PHE D 147 4.64 0.23 -14.59
N VAL D 148 5.69 -0.59 -14.57
CA VAL D 148 6.32 -0.96 -15.84
C VAL D 148 5.46 -1.97 -16.58
N ASN D 149 4.64 -2.74 -15.87
CA ASN D 149 3.74 -3.71 -16.46
C ASN D 149 2.30 -3.22 -16.31
N HIS D 150 1.43 -3.69 -17.20
CA HIS D 150 0.01 -3.55 -16.99
C HIS D 150 -0.44 -4.43 -15.84
N SER D 151 -0.77 -3.81 -14.71
CA SER D 151 -1.18 -4.50 -13.51
C SER D 151 -2.66 -4.28 -13.26
N PHE D 152 -3.32 -5.28 -12.69
CA PHE D 152 -4.74 -5.12 -12.40
C PHE D 152 -5.11 -6.06 -11.27
N ASN D 153 -6.11 -5.65 -10.49
CA ASN D 153 -6.63 -6.46 -9.41
C ASN D 153 -7.91 -7.14 -9.87
N CYS D 154 -8.08 -8.40 -9.48
CA CYS D 154 -9.25 -9.19 -9.86
C CYS D 154 -9.51 -10.19 -8.76
N GLY D 155 -10.68 -10.14 -8.16
CA GLY D 155 -11.09 -11.15 -7.20
C GLY D 155 -10.12 -11.37 -6.06
N GLY D 156 -9.57 -10.29 -5.51
CA GLY D 156 -8.66 -10.43 -4.41
C GLY D 156 -7.27 -10.85 -4.80
N GLU D 157 -6.84 -10.60 -6.03
CA GLU D 157 -5.49 -10.95 -6.44
C GLU D 157 -4.97 -9.88 -7.39
N PHE D 158 -3.70 -9.54 -7.25
CA PHE D 158 -3.10 -8.51 -8.08
C PHE D 158 -2.15 -9.16 -9.08
N PHE D 159 -2.36 -8.86 -10.37
CA PHE D 159 -1.62 -9.46 -11.46
C PHE D 159 -0.71 -8.45 -12.12
N TYR D 160 0.42 -8.93 -12.65
CA TYR D 160 1.41 -8.11 -13.34
C TYR D 160 1.64 -8.70 -14.73
N CYS D 161 1.23 -8.00 -15.78
CA CYS D 161 1.30 -8.50 -17.15
C CYS D 161 2.19 -7.60 -17.99
N ALA D 162 3.19 -8.18 -18.63
CA ALA D 162 4.06 -7.41 -19.49
C ALA D 162 3.29 -6.93 -20.71
N SER D 163 3.54 -5.68 -21.11
CA SER D 163 2.79 -5.04 -22.18
C SER D 163 3.67 -4.53 -23.32
N THR D 164 4.94 -4.93 -23.37
CA THR D 164 5.83 -4.37 -24.39
C THR D 164 5.41 -4.74 -25.79
N GLN D 165 4.61 -5.79 -25.95
CA GLN D 165 4.09 -6.13 -27.26
C GLN D 165 2.89 -5.30 -27.67
N LEU D 166 2.27 -4.57 -26.74
CA LEU D 166 1.15 -3.70 -27.08
C LEU D 166 1.63 -2.34 -27.59
N PHE D 167 2.88 -1.98 -27.30
CA PHE D 167 3.45 -0.67 -27.61
C PHE D 167 4.76 -0.85 -28.35
N ALA D 168 4.66 -1.18 -29.64
CA ALA D 168 5.83 -1.23 -30.51
C ALA D 168 5.40 -1.19 -31.96
N SER D 169 4.87 -0.04 -32.39
CA SER D 169 4.42 0.09 -33.77
C SER D 169 4.60 1.53 -34.21
N THR D 170 4.72 1.72 -35.52
CA THR D 170 4.92 3.03 -36.12
C THR D 170 3.74 3.29 -37.06
N TRP D 171 3.17 4.47 -36.97
CA TRP D 171 2.02 4.88 -37.75
C TRP D 171 2.36 6.22 -38.38
N PHE D 172 1.90 6.45 -39.60
CA PHE D 172 2.26 7.68 -40.28
C PHE D 172 1.08 8.63 -40.40
N GLN E 1 13.99 24.58 3.73
CA GLN E 1 15.42 24.30 3.75
C GLN E 1 15.77 23.25 2.72
N VAL E 2 15.18 23.34 1.54
CA VAL E 2 15.40 22.33 0.50
C VAL E 2 16.82 22.43 -0.02
N GLN E 3 17.50 21.28 -0.07
CA GLN E 3 18.85 21.19 -0.59
C GLN E 3 19.06 19.84 -1.27
N LEU E 4 19.90 19.85 -2.30
CA LEU E 4 20.31 18.66 -3.06
C LEU E 4 21.82 18.56 -3.04
N VAL E 5 22.34 17.47 -2.47
CA VAL E 5 23.78 17.27 -2.39
C VAL E 5 24.15 16.16 -3.37
N GLN E 6 24.98 16.50 -4.34
CA GLN E 6 25.39 15.57 -5.38
C GLN E 6 26.77 15.00 -5.10
N SER E 7 27.10 13.95 -5.86
CA SER E 7 28.38 13.30 -5.71
C SER E 7 29.50 14.13 -6.34
N GLY E 8 30.72 13.84 -5.92
CA GLY E 8 31.86 14.65 -6.31
C GLY E 8 32.24 14.47 -7.76
N ALA E 9 33.26 15.21 -8.15
CA ALA E 9 33.76 15.13 -9.51
C ALA E 9 34.48 13.81 -9.74
N ASP E 10 34.55 13.40 -11.00
CA ASP E 10 35.20 12.14 -11.32
C ASP E 10 35.63 12.20 -12.78
N VAL E 11 36.56 11.33 -13.13
CA VAL E 11 37.02 11.15 -14.50
C VAL E 11 36.74 9.72 -14.92
N LYS E 12 36.30 9.54 -16.17
CA LYS E 12 35.92 8.25 -16.70
C LYS E 12 36.44 8.07 -18.13
N LYS E 13 36.68 6.81 -18.53
CA LYS E 13 37.22 6.49 -19.85
C LYS E 13 36.17 6.59 -20.94
N PRO E 14 36.58 6.95 -22.15
CA PRO E 14 35.64 6.96 -23.28
C PRO E 14 35.07 5.56 -23.51
N GLY E 15 33.76 5.50 -23.71
CA GLY E 15 33.03 4.27 -23.89
C GLY E 15 32.53 3.63 -22.61
N ALA E 16 32.91 4.12 -21.45
CA ALA E 16 32.50 3.49 -20.21
C ALA E 16 31.23 4.18 -19.71
N SER E 17 30.90 3.99 -18.43
CA SER E 17 29.70 4.57 -17.84
C SER E 17 30.05 5.28 -16.54
N VAL E 18 29.18 6.20 -16.14
CA VAL E 18 29.35 6.99 -14.92
C VAL E 18 28.00 7.14 -14.26
N LYS E 19 27.97 7.08 -12.92
CA LYS E 19 26.73 7.16 -12.15
C LYS E 19 26.79 8.32 -11.17
N VAL E 20 25.88 9.28 -11.32
CA VAL E 20 25.83 10.46 -10.47
C VAL E 20 24.68 10.32 -9.48
N SER E 21 24.95 10.63 -8.21
CA SER E 21 23.94 10.61 -7.17
C SER E 21 23.56 12.02 -6.72
N CYS E 22 22.37 12.14 -6.14
CA CYS E 22 21.86 13.44 -5.69
C CYS E 22 20.92 13.19 -4.52
N LYS E 23 21.36 13.53 -3.32
CA LYS E 23 20.61 13.27 -2.10
C LYS E 23 19.79 14.51 -1.74
N ALA E 24 18.52 14.30 -1.46
CA ALA E 24 17.57 15.36 -1.13
C ALA E 24 17.33 15.39 0.37
N SER E 25 17.06 16.60 0.89
CA SER E 25 16.71 16.78 2.29
C SER E 25 15.97 18.10 2.43
N GLY E 26 15.18 18.19 3.50
CA GLY E 26 14.38 19.36 3.75
C GLY E 26 12.97 19.31 3.20
N TYR E 27 12.57 18.20 2.57
CA TYR E 27 11.22 18.06 2.03
C TYR E 27 10.93 16.58 1.85
N THR E 28 9.69 16.30 1.47
CA THR E 28 9.24 14.93 1.22
C THR E 28 9.67 14.53 -0.18
N PHE E 29 10.61 13.59 -0.27
CA PHE E 29 11.29 13.27 -1.53
C PHE E 29 10.30 12.80 -2.59
N THR E 30 9.24 12.12 -2.18
CA THR E 30 8.31 11.54 -3.14
C THR E 30 7.32 12.57 -3.70
N ASP E 31 7.38 13.82 -3.24
CA ASP E 31 6.43 14.84 -3.67
C ASP E 31 6.80 15.57 -4.96
N TYR E 32 8.02 15.38 -5.47
CA TYR E 32 8.50 16.13 -6.61
C TYR E 32 9.28 15.22 -7.54
N TYR E 33 9.01 15.33 -8.84
CA TYR E 33 9.86 14.67 -9.82
C TYR E 33 11.28 15.18 -9.67
N MET E 34 12.23 14.36 -10.10
CA MET E 34 13.63 14.76 -10.14
C MET E 34 14.04 14.89 -11.59
N HIS E 35 14.56 16.07 -11.95
CA HIS E 35 15.07 16.36 -13.27
C HIS E 35 16.59 16.39 -13.25
N TRP E 36 17.19 16.18 -14.42
CA TRP E 36 18.63 16.22 -14.59
C TRP E 36 18.94 17.09 -15.80
N VAL E 37 19.87 18.02 -15.64
CA VAL E 37 20.26 18.96 -16.69
C VAL E 37 21.78 19.04 -16.69
N ARG E 38 22.38 19.06 -17.88
CA ARG E 38 23.82 19.10 -17.97
C ARG E 38 24.28 20.35 -18.71
N GLN E 39 25.57 20.67 -18.55
CA GLN E 39 26.13 21.88 -19.14
C GLN E 39 27.59 21.62 -19.51
N ALA E 40 27.87 21.52 -20.79
CA ALA E 40 29.24 21.38 -21.24
C ALA E 40 30.02 22.67 -20.94
N PRO E 41 31.35 22.59 -20.84
CA PRO E 41 32.15 23.80 -20.54
C PRO E 41 31.87 24.95 -21.50
N GLY E 42 31.27 26.02 -20.97
CA GLY E 42 30.98 27.20 -21.76
C GLY E 42 29.73 27.15 -22.60
N GLN E 43 28.87 26.17 -22.43
CA GLN E 43 27.68 26.03 -23.26
C GLN E 43 26.44 26.20 -22.38
N GLY E 44 25.27 26.16 -23.01
CA GLY E 44 24.01 26.36 -22.34
C GLY E 44 23.58 25.11 -21.60
N LEU E 45 22.30 25.06 -21.29
CA LEU E 45 21.73 23.98 -20.48
C LEU E 45 20.95 23.00 -21.34
N GLU E 46 21.04 21.72 -20.99
CA GLU E 46 20.40 20.64 -21.73
C GLU E 46 19.73 19.67 -20.78
N TRP E 47 18.41 19.57 -20.88
CA TRP E 47 17.64 18.65 -20.06
C TRP E 47 17.83 17.22 -20.56
N MET E 48 18.08 16.30 -19.62
CA MET E 48 18.25 14.90 -19.99
C MET E 48 17.07 14.02 -19.64
N GLY E 49 16.35 14.32 -18.57
CA GLY E 49 15.17 13.54 -18.29
C GLY E 49 14.72 13.76 -16.88
N TRP E 50 13.52 13.25 -16.60
CA TRP E 50 12.99 13.26 -15.24
C TRP E 50 12.65 11.85 -14.79
N ILE E 51 12.47 11.71 -13.48
CA ILE E 51 12.05 10.46 -12.86
C ILE E 51 10.99 10.76 -11.81
N ASN E 52 9.90 10.01 -11.84
CA ASN E 52 8.86 10.09 -10.83
C ASN E 52 9.25 9.20 -9.66
N PRO E 53 9.48 9.75 -8.47
CA PRO E 53 9.92 8.92 -7.33
C PRO E 53 8.82 8.11 -6.66
N ASN E 54 7.55 8.29 -7.03
CA ASN E 54 6.50 7.42 -6.51
C ASN E 54 6.43 6.11 -7.29
N SER E 55 6.68 6.16 -8.61
CA SER E 55 6.47 5.01 -9.48
C SER E 55 7.74 4.52 -10.16
N GLY E 56 8.85 5.25 -10.07
CA GLY E 56 10.05 4.89 -10.79
C GLY E 56 10.01 5.16 -12.27
N GLY E 57 8.87 5.58 -12.82
CA GLY E 57 8.82 5.88 -14.24
C GLY E 57 9.75 7.01 -14.61
N THR E 58 10.22 7.00 -15.84
CA THR E 58 11.18 7.98 -16.32
C THR E 58 10.75 8.47 -17.69
N ASN E 59 11.34 9.58 -18.10
CA ASN E 59 11.10 10.14 -19.43
C ASN E 59 12.41 10.82 -19.84
N TYR E 60 13.16 10.18 -20.72
CA TYR E 60 14.44 10.70 -21.17
C TYR E 60 14.27 11.55 -22.41
N ALA E 61 15.22 12.46 -22.60
CA ALA E 61 15.32 13.16 -23.87
C ALA E 61 15.66 12.16 -24.96
N GLN E 62 15.00 12.29 -26.13
CA GLN E 62 15.20 11.35 -27.22
C GLN E 62 16.68 11.18 -27.54
N LYS E 63 17.47 12.23 -27.30
CA LYS E 63 18.90 12.18 -27.55
C LYS E 63 19.61 11.18 -26.65
N PHE E 64 19.07 10.92 -25.46
CA PHE E 64 19.74 10.07 -24.48
C PHE E 64 19.04 8.74 -24.26
N GLN E 65 18.02 8.42 -25.06
CA GLN E 65 17.32 7.14 -24.90
C GLN E 65 18.27 5.98 -25.19
N ASP E 66 18.13 4.91 -24.40
CA ASP E 66 18.96 3.70 -24.47
C ASP E 66 20.41 3.97 -24.13
N ARG E 67 20.71 5.11 -23.51
CA ARG E 67 22.07 5.45 -23.09
C ARG E 67 22.15 5.91 -21.64
N VAL E 68 21.02 6.25 -21.01
CA VAL E 68 20.99 6.82 -19.69
C VAL E 68 19.93 6.09 -18.87
N THR E 69 20.25 5.78 -17.63
CA THR E 69 19.31 5.12 -16.73
C THR E 69 19.19 5.94 -15.45
N MET E 70 17.96 6.26 -15.08
CA MET E 70 17.64 7.05 -13.91
C MET E 70 16.88 6.22 -12.90
N THR E 71 17.40 6.18 -11.69
CA THR E 71 16.81 5.42 -10.60
C THR E 71 16.74 6.29 -9.35
N ARG E 72 16.04 5.79 -8.33
CA ARG E 72 16.00 6.48 -7.05
C ARG E 72 15.97 5.47 -5.92
N ASP E 73 16.34 5.94 -4.73
CA ASP E 73 16.31 5.15 -3.51
C ASP E 73 15.58 6.00 -2.47
N THR E 74 14.29 5.69 -2.23
CA THR E 74 13.46 6.58 -1.43
C THR E 74 13.86 6.65 0.04
N SER E 75 14.26 5.52 0.62
CA SER E 75 14.62 5.45 2.04
C SER E 75 15.80 6.35 2.39
N VAL E 76 16.68 6.61 1.43
CA VAL E 76 17.78 7.54 1.60
C VAL E 76 17.61 8.77 0.71
N SER E 77 16.43 8.92 0.11
CA SER E 77 16.02 10.11 -0.65
C SER E 77 17.08 10.55 -1.65
N THR E 78 17.63 9.60 -2.38
CA THR E 78 18.67 9.90 -3.33
C THR E 78 18.22 9.47 -4.72
N ALA E 79 18.53 10.31 -5.71
CA ALA E 79 18.30 9.99 -7.11
C ALA E 79 19.64 9.70 -7.76
N TYR E 80 19.61 8.80 -8.73
CA TYR E 80 20.81 8.36 -9.43
C TYR E 80 20.59 8.48 -10.93
N MET E 81 21.68 8.72 -11.64
CA MET E 81 21.65 9.00 -13.06
C MET E 81 22.88 8.31 -13.64
N GLU E 82 22.68 7.28 -14.46
CA GLU E 82 23.77 6.50 -15.03
C GLU E 82 23.90 6.86 -16.51
N VAL E 83 25.06 7.35 -16.89
CA VAL E 83 25.33 7.74 -18.27
C VAL E 83 26.40 6.81 -18.79
N SER E 84 26.07 6.05 -19.82
CA SER E 84 26.97 5.07 -20.39
C SER E 84 27.34 5.46 -21.81
N GLY E 85 28.34 4.77 -22.35
CA GLY E 85 28.86 5.05 -23.67
C GLY E 85 29.44 6.44 -23.80
N LEU E 86 30.25 6.85 -22.82
CA LEU E 86 30.73 8.22 -22.76
C LEU E 86 31.65 8.55 -23.92
N ARG E 87 31.50 9.77 -24.43
CA ARG E 87 32.40 10.38 -25.41
C ARG E 87 32.87 11.71 -24.86
N SER E 88 33.86 12.30 -25.54
CA SER E 88 34.41 13.58 -25.09
C SER E 88 33.33 14.66 -24.96
N ASP E 89 32.32 14.64 -25.83
CA ASP E 89 31.27 15.65 -25.69
C ASP E 89 30.31 15.37 -24.53
N ASP E 90 30.55 14.32 -23.74
CA ASP E 90 29.80 14.06 -22.51
C ASP E 90 30.46 14.68 -21.28
N THR E 91 31.66 15.21 -21.41
CA THR E 91 32.28 16.02 -20.38
C THR E 91 31.38 17.22 -20.12
N ALA E 92 30.88 17.34 -18.90
CA ALA E 92 29.92 18.39 -18.60
C ALA E 92 29.73 18.45 -17.09
N VAL E 93 28.98 19.44 -16.66
CA VAL E 93 28.51 19.53 -15.28
C VAL E 93 27.08 19.02 -15.27
N TYR E 94 26.80 18.03 -14.45
CA TYR E 94 25.49 17.39 -14.43
C TYR E 94 24.78 17.79 -13.15
N TYR E 95 23.59 18.38 -13.30
CA TYR E 95 22.79 18.92 -12.21
C TYR E 95 21.54 18.07 -12.01
N CYS E 96 21.14 17.91 -10.76
CA CYS E 96 19.79 17.51 -10.44
C CYS E 96 19.05 18.76 -10.00
N ALA E 97 17.78 18.86 -10.35
CA ALA E 97 17.02 20.05 -10.02
C ALA E 97 15.56 19.71 -9.94
N ARG E 98 14.84 20.44 -9.10
CA ARG E 98 13.42 20.28 -8.91
C ARG E 98 12.73 21.62 -9.03
N ILE E 99 11.42 21.56 -9.16
CA ILE E 99 10.59 22.74 -9.31
C ILE E 99 10.13 23.22 -7.94
N LYS E 100 9.66 24.47 -7.89
CA LYS E 100 9.06 25.04 -6.70
C LYS E 100 7.61 25.37 -7.01
N LEU E 101 6.68 24.91 -6.17
CA LEU E 101 5.25 25.01 -6.47
C LEU E 101 4.79 26.44 -6.74
N CYS E 102 3.93 26.56 -7.75
CA CYS E 102 3.42 27.84 -8.20
C CYS E 102 2.43 28.35 -7.18
N ASN E 103 1.19 27.92 -7.36
CA ASN E 103 -0.04 28.32 -6.67
C ASN E 103 -1.12 28.35 -7.75
N GLY E 104 -0.76 28.69 -8.99
CA GLY E 104 -1.74 28.73 -10.07
C GLY E 104 -1.58 27.82 -11.28
N GLY E 105 -0.54 27.00 -11.35
CA GLY E 105 -0.41 26.03 -12.44
C GLY E 105 0.55 26.35 -13.57
N SER E 106 1.44 27.33 -13.42
CA SER E 106 2.43 27.62 -14.45
C SER E 106 3.86 27.19 -14.06
N CYS E 107 4.01 26.43 -13.00
CA CYS E 107 5.35 26.14 -12.47
C CYS E 107 5.66 24.65 -12.52
N ASN E 108 5.14 23.92 -13.50
CA ASN E 108 5.49 22.51 -13.55
C ASN E 108 6.91 22.28 -14.02
N TRP E 109 7.59 23.30 -14.53
CA TRP E 109 8.97 23.18 -14.97
C TRP E 109 9.83 24.34 -14.48
N SER E 110 9.41 25.05 -13.43
CA SER E 110 10.19 26.17 -12.89
C SER E 110 11.16 25.59 -11.88
N LEU E 111 12.40 25.36 -12.31
CA LEU E 111 13.37 24.67 -11.45
C LEU E 111 13.90 25.61 -10.37
N GLY E 112 13.27 25.56 -9.20
CA GLY E 112 13.63 26.44 -8.11
C GLY E 112 14.73 25.96 -7.20
N TYR E 113 15.07 24.67 -7.23
CA TYR E 113 16.14 24.13 -6.40
C TYR E 113 17.06 23.26 -7.26
N TRP E 114 18.36 23.52 -7.17
CA TRP E 114 19.37 22.82 -7.94
C TRP E 114 20.43 22.30 -7.00
N GLY E 115 21.05 21.20 -7.38
CA GLY E 115 22.24 20.74 -6.71
C GLY E 115 23.42 21.56 -7.13
N GLN E 116 24.55 21.27 -6.49
CA GLN E 116 25.78 21.99 -6.79
C GLN E 116 26.45 21.56 -8.09
N GLY E 117 26.00 20.45 -8.68
CA GLY E 117 26.57 20.01 -9.95
C GLY E 117 27.75 19.09 -9.78
N SER E 118 27.89 18.13 -10.70
CA SER E 118 28.95 17.14 -10.67
C SER E 118 29.72 17.24 -11.98
N LEU E 119 31.00 17.57 -11.92
CA LEU E 119 31.80 17.66 -13.13
C LEU E 119 32.32 16.27 -13.51
N VAL E 120 31.88 15.78 -14.67
CA VAL E 120 32.28 14.48 -15.19
C VAL E 120 33.19 14.73 -16.39
N THR E 121 34.45 14.34 -16.27
CA THR E 121 35.40 14.43 -17.36
C THR E 121 35.50 13.07 -18.02
N VAL E 122 35.40 13.02 -19.35
CA VAL E 122 35.53 11.77 -20.10
C VAL E 122 36.87 11.80 -20.81
N SER E 123 37.85 11.04 -20.30
CA SER E 123 39.17 11.03 -20.90
C SER E 123 39.87 9.73 -20.55
N SER E 124 40.94 9.45 -21.29
CA SER E 124 41.79 8.28 -21.11
C SER E 124 43.02 8.56 -20.27
N ALA E 125 43.23 9.81 -19.87
CA ALA E 125 44.37 10.17 -19.05
C ALA E 125 44.16 9.77 -17.59
N SER E 126 45.25 9.54 -16.89
CA SER E 126 45.20 9.07 -15.52
C SER E 126 45.07 10.23 -14.54
N THR E 127 44.34 10.00 -13.46
CA THR E 127 44.22 11.00 -12.40
C THR E 127 45.59 11.30 -11.81
N LYS E 128 45.88 12.59 -11.64
CA LYS E 128 47.17 13.07 -11.20
C LYS E 128 46.98 14.22 -10.23
N GLY E 129 47.62 14.12 -9.06
CA GLY E 129 47.58 15.18 -8.07
C GLY E 129 48.55 16.31 -8.42
N PRO E 130 48.22 17.52 -8.00
CA PRO E 130 49.03 18.68 -8.40
C PRO E 130 50.25 18.91 -7.51
N SER E 131 51.26 19.51 -8.13
CA SER E 131 52.36 20.11 -7.41
C SER E 131 52.06 21.60 -7.20
N VAL E 132 52.55 22.15 -6.10
CA VAL E 132 52.26 23.53 -5.71
C VAL E 132 53.57 24.26 -5.48
N PHE E 133 53.82 25.32 -6.25
CA PHE E 133 55.03 26.10 -6.11
C PHE E 133 54.67 27.52 -5.67
N PRO E 134 55.54 28.18 -4.91
CA PRO E 134 55.20 29.50 -4.39
C PRO E 134 55.44 30.60 -5.42
N LEU E 135 54.57 31.59 -5.39
CA LEU E 135 54.73 32.84 -6.11
C LEU E 135 55.10 33.88 -5.06
N ALA E 136 56.41 34.07 -4.86
CA ALA E 136 56.95 34.88 -3.77
C ALA E 136 56.84 36.37 -4.09
N PRO E 137 56.52 37.22 -3.10
CA PRO E 137 56.40 38.67 -3.28
C PRO E 137 57.75 39.37 -3.48
N GLY E 145 52.92 50.45 -2.03
CA GLY E 145 52.96 49.71 -0.79
C GLY E 145 52.06 48.50 -0.76
N THR E 146 51.73 47.98 -1.95
CA THR E 146 50.96 46.75 -2.07
C THR E 146 51.85 45.66 -2.66
N ALA E 147 51.76 44.47 -2.09
CA ALA E 147 52.54 43.33 -2.55
C ALA E 147 51.60 42.24 -3.03
N ALA E 148 52.02 41.53 -4.07
CA ALA E 148 51.28 40.42 -4.62
C ALA E 148 52.04 39.13 -4.35
N LEU E 149 51.30 38.09 -3.99
CA LEU E 149 51.89 36.78 -3.80
C LEU E 149 50.85 35.73 -4.17
N GLY E 150 51.28 34.48 -4.30
CA GLY E 150 50.33 33.44 -4.67
C GLY E 150 50.97 32.07 -4.72
N CYS E 151 50.20 31.13 -5.27
CA CYS E 151 50.55 29.72 -5.34
C CYS E 151 50.26 29.17 -6.72
N LEU E 152 51.25 28.54 -7.33
CA LEU E 152 51.13 27.95 -8.65
C LEU E 152 50.78 26.47 -8.49
N VAL E 153 49.61 26.08 -8.97
CA VAL E 153 49.10 24.72 -8.87
C VAL E 153 49.25 24.06 -10.24
N LYS E 154 50.24 23.18 -10.38
CA LYS E 154 50.64 22.68 -11.69
C LYS E 154 50.40 21.19 -11.87
N ASP E 155 50.12 20.82 -13.13
CA ASP E 155 50.16 19.43 -13.62
C ASP E 155 49.23 18.51 -12.81
N TYR E 156 47.95 18.74 -12.95
CA TYR E 156 46.96 17.89 -12.31
C TYR E 156 45.86 17.52 -13.29
N PHE E 157 45.12 16.48 -12.92
CA PHE E 157 44.03 15.95 -13.72
C PHE E 157 43.21 15.03 -12.84
N PRO E 158 41.88 15.06 -12.93
CA PRO E 158 41.05 15.96 -13.73
C PRO E 158 40.78 17.25 -12.95
N GLU E 159 39.74 17.97 -13.28
CA GLU E 159 39.26 19.10 -12.52
C GLU E 159 38.13 18.68 -11.60
N PRO E 160 37.82 19.49 -10.57
CA PRO E 160 38.44 20.77 -10.22
C PRO E 160 39.39 20.75 -9.04
N VAL E 161 40.15 21.83 -8.85
CA VAL E 161 40.93 22.08 -7.64
C VAL E 161 40.43 23.37 -7.02
N THR E 162 40.25 23.39 -5.70
CA THR E 162 39.87 24.60 -4.99
C THR E 162 41.05 25.14 -4.20
N VAL E 163 41.18 26.46 -4.17
CA VAL E 163 42.24 27.12 -3.43
C VAL E 163 41.60 28.12 -2.49
N SER E 164 41.98 28.06 -1.22
CA SER E 164 41.60 29.04 -0.22
C SER E 164 42.87 29.53 0.45
N TRP E 165 42.76 30.66 1.14
CA TRP E 165 43.90 31.29 1.77
C TRP E 165 43.63 31.40 3.26
N ASN E 166 44.64 31.06 4.07
CA ASN E 166 44.56 31.12 5.54
C ASN E 166 43.30 30.42 6.03
N SER E 167 43.02 29.25 5.44
CA SER E 167 41.86 28.42 5.76
C SER E 167 40.55 29.16 5.56
N GLY E 168 40.54 30.18 4.69
CA GLY E 168 39.32 30.90 4.36
C GLY E 168 39.11 32.21 5.08
N ALA E 169 39.92 32.53 6.08
CA ALA E 169 39.79 33.82 6.79
C ALA E 169 40.25 34.99 5.94
N LEU E 170 41.04 34.74 4.91
CA LEU E 170 41.56 35.75 4.01
C LEU E 170 40.87 35.55 2.67
N THR E 171 39.99 36.47 2.32
CA THR E 171 39.27 36.34 1.07
C THR E 171 39.40 37.56 0.17
N SER E 172 39.42 38.75 0.75
CA SER E 172 39.49 39.98 -0.05
C SER E 172 40.83 40.07 -0.76
N GLY E 173 40.79 40.45 -2.03
CA GLY E 173 41.99 40.57 -2.83
C GLY E 173 42.51 39.29 -3.45
N VAL E 174 41.77 38.17 -3.31
CA VAL E 174 42.21 36.88 -3.84
C VAL E 174 41.65 36.68 -5.24
N HIS E 175 42.52 36.31 -6.18
CA HIS E 175 42.11 35.96 -7.54
C HIS E 175 42.60 34.55 -7.85
N THR E 176 41.66 33.61 -7.89
CA THR E 176 41.92 32.24 -8.31
C THR E 176 41.54 32.14 -9.78
N PHE E 177 42.54 31.96 -10.64
CA PHE E 177 42.39 31.99 -12.09
C PHE E 177 41.84 30.67 -12.62
N PRO E 178 41.07 30.70 -13.72
CA PRO E 178 40.64 29.44 -14.35
C PRO E 178 41.84 28.65 -14.87
N ALA E 179 41.76 27.34 -14.74
CA ALA E 179 42.85 26.47 -15.16
C ALA E 179 42.98 26.44 -16.67
N VAL E 180 44.20 26.30 -17.14
CA VAL E 180 44.51 26.20 -18.57
C VAL E 180 45.00 24.79 -18.86
N LEU E 181 44.62 24.25 -20.03
CA LEU E 181 45.11 22.95 -20.47
C LEU E 181 46.44 23.16 -21.18
N GLN E 182 47.49 22.57 -20.62
CA GLN E 182 48.83 22.64 -21.20
C GLN E 182 48.95 21.66 -22.36
N SER E 183 50.05 21.78 -23.11
CA SER E 183 50.23 20.95 -24.30
C SER E 183 50.39 19.47 -23.94
N SER E 184 50.96 19.17 -22.78
CA SER E 184 51.15 17.79 -22.36
C SER E 184 49.88 17.16 -21.80
N GLY E 185 48.74 17.85 -21.86
CA GLY E 185 47.48 17.27 -21.50
C GLY E 185 47.10 17.38 -20.05
N LEU E 186 47.91 18.07 -19.23
CA LEU E 186 47.58 18.27 -17.82
C LEU E 186 47.17 19.72 -17.58
N TYR E 187 46.44 19.92 -16.50
CA TYR E 187 45.88 21.21 -16.15
C TYR E 187 46.79 21.98 -15.20
N SER E 188 46.68 23.30 -15.25
CA SER E 188 47.49 24.16 -14.39
C SER E 188 46.74 25.47 -14.16
N LEU E 189 46.87 26.02 -12.96
CA LEU E 189 46.31 27.32 -12.60
C LEU E 189 47.17 27.95 -11.53
N SER E 190 46.89 29.23 -11.24
CA SER E 190 47.50 30.01 -10.18
C SER E 190 46.44 30.73 -9.38
N SER E 191 46.71 30.95 -8.10
CA SER E 191 45.87 31.78 -7.22
C SER E 191 46.74 32.83 -6.55
N VAL E 192 46.37 34.09 -6.67
CA VAL E 192 47.18 35.19 -6.16
C VAL E 192 46.35 36.03 -5.18
N VAL E 193 47.06 36.76 -4.33
CA VAL E 193 46.44 37.70 -3.41
C VAL E 193 47.35 38.90 -3.25
N THR E 194 46.75 40.08 -3.23
CA THR E 194 47.46 41.33 -3.02
C THR E 194 47.25 41.75 -1.57
N VAL E 195 48.35 42.04 -0.89
CA VAL E 195 48.33 42.38 0.53
C VAL E 195 49.25 43.56 0.77
N PRO E 196 49.07 44.27 1.88
CA PRO E 196 49.98 45.37 2.22
C PRO E 196 51.41 44.90 2.38
N SER E 197 52.33 45.66 1.78
CA SER E 197 53.75 45.34 1.91
C SER E 197 54.21 45.37 3.36
N SER E 198 53.49 46.06 4.25
CA SER E 198 53.89 46.07 5.65
C SER E 198 53.64 44.72 6.33
N SER E 199 52.70 43.93 5.82
CA SER E 199 52.37 42.65 6.42
C SER E 199 53.35 41.54 6.03
N LEU E 200 54.18 41.75 5.03
CA LEU E 200 55.12 40.71 4.61
C LEU E 200 56.11 40.41 5.73
N GLY E 201 56.32 39.13 6.01
CA GLY E 201 57.20 38.70 7.05
C GLY E 201 56.57 38.62 8.42
N THR E 202 55.51 39.38 8.66
CA THR E 202 54.80 39.37 9.93
C THR E 202 53.56 38.48 9.90
N GLN E 203 52.81 38.52 8.80
CA GLN E 203 51.63 37.70 8.60
C GLN E 203 51.98 36.48 7.76
N THR E 204 51.61 35.29 8.24
CA THR E 204 51.88 34.09 7.49
C THR E 204 50.82 33.88 6.41
N TYR E 205 51.27 33.63 5.19
CA TYR E 205 50.38 33.45 4.07
C TYR E 205 50.49 32.01 3.61
N ILE E 206 49.39 31.28 3.70
CA ILE E 206 49.33 29.86 3.38
C ILE E 206 48.14 29.63 2.47
N CYS E 207 48.36 28.93 1.34
CA CYS E 207 47.30 28.57 0.41
C CYS E 207 46.91 27.11 0.57
N ASN E 208 45.59 26.83 0.65
CA ASN E 208 45.06 25.48 0.83
C ASN E 208 44.62 24.94 -0.52
N VAL E 209 45.39 24.04 -1.10
CA VAL E 209 45.06 23.44 -2.38
C VAL E 209 44.42 22.10 -2.11
N ASN E 210 43.23 21.88 -2.67
CA ASN E 210 42.53 20.63 -2.47
C ASN E 210 42.10 20.11 -3.84
N HIS E 211 42.40 18.85 -4.11
CA HIS E 211 42.06 18.17 -5.36
C HIS E 211 41.37 16.86 -5.00
N LYS E 212 40.05 16.89 -4.91
CA LYS E 212 39.30 15.70 -4.50
C LYS E 212 39.56 14.48 -5.39
N PRO E 213 39.59 14.57 -6.73
CA PRO E 213 39.78 13.36 -7.54
C PRO E 213 40.99 12.50 -7.17
N SER E 214 42.10 13.09 -6.75
CA SER E 214 43.25 12.31 -6.31
C SER E 214 43.43 12.32 -4.80
N ASN E 215 42.49 12.89 -4.05
CA ASN E 215 42.53 12.92 -2.59
C ASN E 215 43.86 13.52 -2.11
N THR E 216 44.11 14.75 -2.54
CA THR E 216 45.31 15.46 -2.12
C THR E 216 44.92 16.83 -1.58
N LYS E 217 45.58 17.20 -0.48
CA LYS E 217 45.52 18.52 0.13
C LYS E 217 46.94 19.00 0.34
N VAL E 218 47.25 20.20 -0.12
CA VAL E 218 48.59 20.78 0.03
C VAL E 218 48.45 22.09 0.80
N ASP E 219 49.15 22.19 1.92
CA ASP E 219 49.22 23.41 2.72
C ASP E 219 50.60 24.03 2.47
N LYS E 220 50.64 25.13 1.75
CA LYS E 220 51.89 25.74 1.29
C LYS E 220 51.99 27.16 1.84
N LYS E 221 53.00 27.39 2.69
CA LYS E 221 53.29 28.71 3.22
C LYS E 221 54.25 29.44 2.29
N VAL E 222 53.84 30.60 1.80
CA VAL E 222 54.67 31.37 0.88
C VAL E 222 55.32 32.51 1.65
N GLU E 223 56.64 32.57 1.59
CA GLU E 223 57.48 33.56 2.23
C GLU E 223 58.20 34.40 1.19
N PRO E 224 58.69 35.58 1.58
CA PRO E 224 59.48 36.39 0.66
C PRO E 224 60.81 35.72 0.32
N LYS E 225 61.38 36.16 -0.81
CA LYS E 225 62.67 35.68 -1.33
C LYS E 225 62.87 34.17 -1.20
N MET F 4 14.16 27.65 -29.72
CA MET F 4 14.31 28.92 -29.02
C MET F 4 15.40 29.82 -29.59
N THR F 5 15.15 31.13 -29.49
CA THR F 5 16.13 32.13 -29.86
C THR F 5 16.11 33.22 -28.79
N GLN F 6 17.28 33.78 -28.51
CA GLN F 6 17.45 34.85 -27.54
C GLN F 6 18.27 35.98 -28.14
N SER F 7 17.91 37.21 -27.77
CA SER F 7 18.56 38.39 -28.31
C SER F 7 18.73 39.46 -27.23
N PRO F 8 19.91 40.05 -27.11
CA PRO F 8 21.10 39.77 -27.92
C PRO F 8 21.84 38.57 -27.35
N SER F 9 22.94 38.14 -27.97
CA SER F 9 23.72 37.04 -27.39
C SER F 9 24.62 37.54 -26.26
N SER F 10 25.02 38.80 -26.32
CA SER F 10 25.79 39.42 -25.26
C SER F 10 25.58 40.92 -25.32
N LEU F 11 25.66 41.58 -24.17
CA LEU F 11 25.48 43.02 -24.10
C LEU F 11 26.27 43.57 -22.93
N SER F 12 26.74 44.80 -23.08
CA SER F 12 27.41 45.52 -22.01
C SER F 12 26.59 46.75 -21.68
N ALA F 13 26.54 47.09 -20.39
CA ALA F 13 25.74 48.22 -19.95
C ALA F 13 26.40 48.81 -18.71
N SER F 14 26.15 50.09 -18.49
CA SER F 14 26.70 50.77 -17.35
C SER F 14 25.84 50.52 -16.12
N VAL F 15 26.42 50.76 -14.95
CA VAL F 15 25.67 50.67 -13.72
C VAL F 15 24.50 51.63 -13.79
N GLY F 16 23.31 51.15 -13.46
CA GLY F 16 22.09 51.92 -13.54
C GLY F 16 21.38 51.86 -14.86
N ASP F 17 21.98 51.26 -15.88
CA ASP F 17 21.32 51.21 -17.18
C ASP F 17 20.12 50.28 -17.14
N ARG F 18 19.21 50.48 -18.07
CA ARG F 18 18.09 49.56 -18.23
C ARG F 18 18.48 48.55 -19.30
N VAL F 19 18.37 47.27 -18.96
CA VAL F 19 18.78 46.19 -19.85
C VAL F 19 17.55 45.36 -20.22
N THR F 20 17.40 45.07 -21.51
CA THR F 20 16.29 44.27 -22.01
C THR F 20 16.81 43.09 -22.84
N ILE F 21 16.26 41.92 -22.56
CA ILE F 21 16.61 40.68 -23.22
C ILE F 21 15.32 40.07 -23.76
N THR F 22 15.38 39.52 -24.97
CA THR F 22 14.20 39.00 -25.67
C THR F 22 14.33 37.50 -25.86
N CYS F 23 13.21 36.80 -25.68
CA CYS F 23 13.08 35.36 -25.90
C CYS F 23 11.89 35.11 -26.81
N GLN F 24 12.11 34.36 -27.88
CA GLN F 24 11.04 34.08 -28.84
C GLN F 24 10.86 32.57 -28.96
N ALA F 25 9.61 32.12 -28.79
CA ALA F 25 9.22 30.73 -28.81
C ALA F 25 8.58 30.35 -30.15
N SER F 26 8.57 29.04 -30.43
CA SER F 26 8.03 28.52 -31.69
C SER F 26 6.53 28.25 -31.64
N GLN F 27 5.96 28.02 -30.47
CA GLN F 27 4.52 27.81 -30.33
C GLN F 27 3.98 28.70 -29.23
N ASP F 28 2.67 28.91 -29.24
CA ASP F 28 2.01 29.76 -28.25
C ASP F 28 1.89 29.01 -26.93
N ILE F 29 2.85 29.23 -26.03
CA ILE F 29 2.87 28.55 -24.75
C ILE F 29 2.13 29.38 -23.72
N SER F 30 1.38 30.38 -24.17
CA SER F 30 0.68 31.34 -23.31
C SER F 30 1.75 32.12 -22.53
N ASN F 31 1.80 32.02 -21.21
CA ASN F 31 2.81 32.73 -20.41
C ASN F 31 3.71 31.79 -19.64
N TYR F 32 3.83 30.53 -20.07
CA TYR F 32 4.56 29.52 -19.30
C TYR F 32 6.07 29.59 -19.57
N LEU F 33 6.66 30.76 -19.30
CA LEU F 33 8.09 30.96 -19.53
C LEU F 33 8.78 31.38 -18.24
N ASN F 34 9.98 30.85 -18.02
CA ASN F 34 10.76 31.11 -16.83
C ASN F 34 12.09 31.75 -17.21
N TRP F 35 12.65 32.50 -16.28
CA TRP F 35 13.92 33.15 -16.51
C TRP F 35 14.86 32.81 -15.37
N TYR F 36 16.10 32.52 -15.72
CA TYR F 36 17.14 32.07 -14.80
C TYR F 36 18.32 33.02 -14.89
N GLN F 37 19.04 33.12 -13.79
CA GLN F 37 20.29 33.86 -13.72
C GLN F 37 21.38 32.88 -13.31
N GLN F 38 22.44 32.81 -14.09
CA GLN F 38 23.54 31.91 -13.74
C GLN F 38 24.80 32.76 -13.59
N LYS F 39 25.18 33.01 -12.34
CA LYS F 39 26.40 33.74 -12.08
C LYS F 39 27.56 32.83 -12.45
N PRO F 40 28.77 33.38 -12.57
CA PRO F 40 29.87 32.53 -13.05
C PRO F 40 30.25 31.31 -12.22
N GLY F 41 30.30 30.14 -12.85
CA GLY F 41 30.75 28.92 -12.15
C GLY F 41 29.87 28.10 -11.23
N LYS F 42 28.59 28.44 -11.08
CA LYS F 42 27.70 27.74 -10.14
C LYS F 42 26.31 27.52 -10.66
N ALA F 43 25.47 26.81 -9.91
CA ALA F 43 24.14 26.45 -10.40
C ALA F 43 23.21 27.60 -10.74
N PRO F 44 22.40 27.43 -11.80
CA PRO F 44 21.44 28.46 -12.20
C PRO F 44 20.44 28.85 -11.12
N LYS F 45 20.07 30.12 -11.08
CA LYS F 45 19.13 30.62 -10.09
C LYS F 45 17.87 31.12 -10.79
N LEU F 46 16.72 30.59 -10.39
CA LEU F 46 15.44 30.96 -10.97
C LEU F 46 14.97 32.32 -10.46
N LEU F 47 14.70 33.24 -11.38
CA LEU F 47 14.21 34.56 -11.02
C LEU F 47 12.73 34.72 -11.31
N ILE F 48 12.32 34.50 -12.54
CA ILE F 48 10.95 34.79 -12.97
C ILE F 48 10.26 33.49 -13.35
N TYR F 49 9.01 33.36 -12.94
CA TYR F 49 8.16 32.28 -13.39
C TYR F 49 6.84 32.82 -13.91
N GLY F 50 6.16 32.01 -14.72
CA GLY F 50 4.89 32.42 -15.31
C GLY F 50 4.98 33.66 -16.17
N ALA F 51 6.17 33.92 -16.74
CA ALA F 51 6.48 35.08 -17.58
C ALA F 51 6.62 36.40 -16.81
N SER F 52 5.73 36.68 -15.85
CA SER F 52 5.69 37.97 -15.17
C SER F 52 5.87 37.90 -13.66
N ASN F 53 5.80 36.72 -13.04
CA ASN F 53 5.87 36.63 -11.58
C ASN F 53 7.32 36.59 -11.12
N LEU F 54 7.59 37.34 -10.06
CA LEU F 54 8.88 37.33 -9.40
C LEU F 54 8.91 36.24 -8.34
N GLU F 55 10.01 35.50 -8.30
CA GLU F 55 10.22 34.57 -7.21
C GLU F 55 10.47 35.34 -5.92
N THR F 56 10.10 34.72 -4.79
CA THR F 56 10.23 35.37 -3.50
C THR F 56 11.70 35.69 -3.20
N GLY F 57 11.94 36.94 -2.80
CA GLY F 57 13.26 37.41 -2.43
C GLY F 57 14.03 38.08 -3.55
N VAL F 58 13.52 38.04 -4.77
CA VAL F 58 14.23 38.58 -5.93
C VAL F 58 14.02 40.09 -5.96
N PRO F 59 15.06 40.89 -6.15
CA PRO F 59 14.87 42.35 -6.14
C PRO F 59 13.89 42.77 -7.22
N SER F 60 13.31 43.95 -7.01
CA SER F 60 12.29 44.47 -7.90
C SER F 60 12.86 45.00 -9.20
N ARG F 61 14.17 45.09 -9.36
CA ARG F 61 14.72 45.54 -10.64
C ARG F 61 14.58 44.48 -11.72
N PHE F 62 14.28 43.23 -11.35
CA PHE F 62 14.03 42.18 -12.32
C PHE F 62 12.54 42.03 -12.58
N SER F 63 12.16 41.89 -13.85
CA SER F 63 10.77 41.67 -14.20
C SER F 63 10.72 41.17 -15.63
N GLY F 64 9.56 40.62 -15.99
CA GLY F 64 9.35 40.07 -17.32
C GLY F 64 7.91 40.21 -17.74
N SER F 65 7.69 40.16 -19.05
CA SER F 65 6.37 40.31 -19.63
C SER F 65 6.29 39.51 -20.91
N GLY F 66 5.07 39.42 -21.44
CA GLY F 66 4.84 38.74 -22.70
C GLY F 66 3.81 37.64 -22.61
N SER F 67 3.31 37.20 -23.78
CA SER F 67 2.37 36.09 -23.88
C SER F 67 2.32 35.66 -25.34
N GLY F 68 2.17 34.36 -25.56
CA GLY F 68 2.12 33.86 -26.91
C GLY F 68 3.46 33.34 -27.36
N THR F 69 4.27 34.17 -28.01
CA THR F 69 5.56 33.69 -28.50
C THR F 69 6.73 34.61 -28.16
N ASP F 70 6.46 35.90 -27.95
CA ASP F 70 7.50 36.89 -27.74
C ASP F 70 7.49 37.36 -26.29
N PHE F 71 8.63 37.27 -25.62
CA PHE F 71 8.75 37.63 -24.22
C PHE F 71 9.96 38.52 -24.01
N THR F 72 9.91 39.28 -22.91
CA THR F 72 10.98 40.21 -22.56
C THR F 72 11.33 40.08 -21.09
N PHE F 73 12.62 40.16 -20.81
CA PHE F 73 13.14 40.21 -19.46
C PHE F 73 13.93 41.50 -19.33
N THR F 74 13.70 42.24 -18.24
CA THR F 74 14.24 43.59 -18.10
C THR F 74 14.86 43.79 -16.73
N ILE F 75 16.11 44.25 -16.71
CA ILE F 75 16.74 44.74 -15.49
C ILE F 75 16.62 46.26 -15.55
N SER F 76 15.76 46.81 -14.68
CA SER F 76 15.44 48.23 -14.74
C SER F 76 16.64 49.09 -14.38
N SER F 77 17.40 48.67 -13.37
CA SER F 77 18.56 49.43 -12.92
C SER F 77 19.68 48.43 -12.65
N LEU F 78 20.66 48.41 -13.53
CA LEU F 78 21.68 47.35 -13.52
C LEU F 78 22.61 47.48 -12.33
N GLN F 79 22.86 46.36 -11.64
CA GLN F 79 23.70 46.31 -10.46
C GLN F 79 25.04 45.65 -10.76
N PRO F 80 26.09 45.97 -10.00
CA PRO F 80 27.38 45.32 -10.21
C PRO F 80 27.39 43.84 -9.88
N GLU F 81 26.37 43.33 -9.20
CA GLU F 81 26.24 41.89 -8.96
C GLU F 81 25.39 41.17 -10.01
N ASP F 82 24.99 41.85 -11.08
CA ASP F 82 24.10 41.26 -12.10
C ASP F 82 24.81 40.67 -13.32
N ILE F 83 26.15 40.60 -13.35
CA ILE F 83 26.85 39.89 -14.41
C ILE F 83 26.54 38.41 -14.28
N ALA F 84 25.94 37.84 -15.32
CA ALA F 84 25.51 36.46 -15.33
C ALA F 84 25.01 36.16 -16.73
N THR F 85 24.76 34.89 -16.99
CA THR F 85 24.08 34.45 -18.19
C THR F 85 22.63 34.18 -17.80
N TYR F 86 21.68 34.73 -18.56
CA TYR F 86 20.26 34.58 -18.26
C TYR F 86 19.64 33.70 -19.34
N TYR F 87 18.89 32.68 -18.94
CA TYR F 87 18.27 31.76 -19.88
C TYR F 87 16.76 31.85 -19.76
N CYS F 88 16.08 31.83 -20.89
CA CYS F 88 14.65 31.55 -20.86
C CYS F 88 14.46 30.05 -21.05
N GLN F 89 13.28 29.59 -20.64
CA GLN F 89 13.00 28.16 -20.66
C GLN F 89 11.51 27.95 -20.73
N GLN F 90 11.08 27.05 -21.62
CA GLN F 90 9.72 26.55 -21.63
C GLN F 90 9.83 25.04 -21.60
N TYR F 91 9.33 24.44 -20.52
CA TYR F 91 9.41 23.01 -20.33
C TYR F 91 10.88 22.61 -20.51
N GLU F 92 11.20 21.63 -21.35
CA GLU F 92 12.57 21.14 -21.39
C GLU F 92 13.50 22.01 -22.20
N PHE F 93 13.00 23.03 -22.88
CA PHE F 93 13.78 23.77 -23.85
C PHE F 93 14.33 25.06 -23.23
N PHE F 94 15.65 25.20 -23.24
CA PHE F 94 16.34 26.39 -22.76
C PHE F 94 16.84 27.19 -23.94
N GLY F 95 16.78 28.52 -23.83
CA GLY F 95 17.35 29.39 -24.81
C GLY F 95 18.85 29.37 -24.71
N PRO F 96 19.54 29.93 -25.70
CA PRO F 96 21.01 29.88 -25.69
C PRO F 96 21.68 30.72 -24.60
N GLY F 97 20.97 31.68 -24.00
CA GLY F 97 21.58 32.49 -22.95
C GLY F 97 22.18 33.77 -23.50
N THR F 98 22.12 34.81 -22.67
CA THR F 98 22.68 36.13 -22.98
C THR F 98 23.68 36.52 -21.91
N LYS F 99 24.87 36.93 -22.33
CA LYS F 99 25.91 37.33 -21.40
C LYS F 99 25.79 38.82 -21.11
N VAL F 100 25.64 39.16 -19.84
CA VAL F 100 25.51 40.55 -19.41
C VAL F 100 26.74 40.92 -18.59
N ASP F 101 27.44 41.96 -19.01
CA ASP F 101 28.58 42.50 -18.26
C ASP F 101 28.38 43.99 -18.06
N ILE F 102 29.36 44.63 -17.42
CA ILE F 102 29.30 46.02 -17.00
C ILE F 102 30.35 46.82 -17.75
N LYS F 103 29.97 48.01 -18.24
CA LYS F 103 30.95 48.99 -18.67
C LYS F 103 31.20 49.98 -17.54
N ARG F 104 32.46 50.34 -17.36
CA ARG F 104 32.84 51.27 -16.32
C ARG F 104 34.04 52.06 -16.83
N THR F 105 34.58 52.90 -15.95
CA THR F 105 35.72 53.72 -16.33
C THR F 105 36.96 52.87 -16.52
N VAL F 106 37.89 53.38 -17.32
CA VAL F 106 39.14 52.70 -17.59
C VAL F 106 40.00 52.67 -16.33
N ALA F 107 40.52 51.49 -16.01
CA ALA F 107 41.44 51.31 -14.88
C ALA F 107 42.66 50.54 -15.36
N ALA F 108 43.83 51.06 -15.06
CA ALA F 108 45.07 50.43 -15.45
C ALA F 108 45.36 49.23 -14.55
N PRO F 109 45.97 48.19 -15.11
CA PRO F 109 46.30 47.01 -14.30
C PRO F 109 47.61 47.18 -13.54
N SER F 110 47.63 46.68 -12.31
CA SER F 110 48.88 46.61 -11.57
C SER F 110 49.62 45.34 -12.00
N VAL F 111 50.88 45.51 -12.42
CA VAL F 111 51.67 44.46 -13.04
C VAL F 111 52.71 43.95 -12.05
N PHE F 112 52.81 42.62 -11.97
CA PHE F 112 53.81 41.92 -11.17
C PHE F 112 54.45 40.82 -11.99
N ILE F 113 55.75 40.61 -11.81
CA ILE F 113 56.46 39.49 -12.41
C ILE F 113 56.97 38.59 -11.30
N PHE F 114 56.91 37.27 -11.55
CA PHE F 114 57.32 36.26 -10.59
C PHE F 114 58.30 35.32 -11.27
N PRO F 115 59.52 35.17 -10.76
CA PRO F 115 60.44 34.17 -11.30
C PRO F 115 60.04 32.77 -10.87
N PRO F 116 60.55 31.75 -11.54
CA PRO F 116 60.27 30.37 -11.11
C PRO F 116 60.91 30.07 -9.76
N SER F 117 60.19 29.31 -8.95
CA SER F 117 60.70 28.95 -7.64
C SER F 117 61.82 27.93 -7.77
N ASP F 118 62.75 27.97 -6.83
CA ASP F 118 63.85 27.00 -6.83
C ASP F 118 63.36 25.58 -6.62
N GLU F 119 62.20 25.39 -6.01
CA GLU F 119 61.66 24.04 -5.90
C GLU F 119 61.29 23.50 -7.27
N GLN F 120 60.72 24.35 -8.13
CA GLN F 120 60.32 23.87 -9.44
C GLN F 120 61.52 23.56 -10.32
N LEU F 121 62.66 24.23 -10.09
CA LEU F 121 63.82 23.98 -10.92
C LEU F 121 64.35 22.57 -10.78
N LYS F 122 64.08 21.89 -9.66
CA LYS F 122 64.51 20.50 -9.54
C LYS F 122 63.73 19.56 -10.44
N SER F 123 62.56 19.97 -10.91
CA SER F 123 61.76 19.14 -11.81
C SER F 123 62.17 19.29 -13.28
N GLY F 124 63.10 20.21 -13.57
CA GLY F 124 63.62 20.39 -14.91
C GLY F 124 62.89 21.39 -15.77
N THR F 125 61.88 22.09 -15.24
CA THR F 125 61.09 23.04 -16.00
C THR F 125 61.00 24.36 -15.22
N ALA F 126 60.83 25.46 -15.93
CA ALA F 126 60.75 26.79 -15.29
C ALA F 126 59.51 27.54 -15.78
N SER F 127 58.66 27.96 -14.86
CA SER F 127 57.49 28.76 -15.18
C SER F 127 57.69 30.18 -14.66
N VAL F 128 57.54 31.15 -15.56
CA VAL F 128 57.61 32.56 -15.25
C VAL F 128 56.20 33.14 -15.36
N VAL F 129 55.76 33.87 -14.35
CA VAL F 129 54.37 34.32 -14.25
C VAL F 129 54.34 35.84 -14.24
N CYS F 130 53.42 36.41 -15.02
CA CYS F 130 53.17 37.83 -15.12
C CYS F 130 51.73 38.08 -14.71
N LEU F 131 51.52 38.92 -13.71
CA LEU F 131 50.21 39.21 -13.15
C LEU F 131 49.75 40.60 -13.59
N LEU F 132 48.49 40.70 -13.99
CA LEU F 132 47.81 41.96 -14.27
C LEU F 132 46.59 42.02 -13.37
N ASN F 133 46.55 43.02 -12.49
CA ASN F 133 45.55 43.05 -11.42
C ASN F 133 44.55 44.18 -11.60
N ASN F 134 43.26 43.84 -11.64
CA ASN F 134 42.16 44.79 -11.48
C ASN F 134 42.22 45.89 -12.54
N PHE F 135 41.93 45.49 -13.77
CA PHE F 135 41.91 46.41 -14.88
C PHE F 135 40.56 46.35 -15.60
N TYR F 136 40.34 47.35 -16.44
CA TYR F 136 39.21 47.40 -17.35
C TYR F 136 39.66 48.40 -18.41
N PRO F 137 39.34 48.19 -19.70
CA PRO F 137 38.52 47.11 -20.28
C PRO F 137 39.29 45.79 -20.36
N ARG F 138 38.61 44.74 -20.84
CA ARG F 138 39.17 43.40 -20.84
C ARG F 138 40.33 43.28 -21.83
N GLU F 139 40.30 44.04 -22.93
CA GLU F 139 41.32 43.92 -23.97
C GLU F 139 42.68 44.34 -23.43
N ALA F 140 43.67 43.45 -23.53
CA ALA F 140 45.03 43.77 -23.13
C ALA F 140 45.98 42.90 -23.94
N LYS F 141 47.25 43.33 -24.02
CA LYS F 141 48.30 42.58 -24.69
C LYS F 141 49.51 42.46 -23.76
N VAL F 142 49.95 41.22 -23.47
CA VAL F 142 51.16 40.94 -22.72
C VAL F 142 52.18 40.31 -23.65
N GLN F 143 53.37 40.89 -23.73
CA GLN F 143 54.48 40.36 -24.50
C GLN F 143 55.60 39.93 -23.56
N TRP F 144 56.11 38.73 -23.77
CA TRP F 144 57.25 38.21 -23.01
C TRP F 144 58.52 38.46 -23.80
N LYS F 145 59.54 39.00 -23.13
CA LYS F 145 60.80 39.29 -23.78
C LYS F 145 61.94 38.69 -22.98
N VAL F 146 62.77 37.88 -23.63
CA VAL F 146 63.90 37.22 -23.00
C VAL F 146 65.16 37.62 -23.73
N ASP F 147 66.08 38.28 -23.01
CA ASP F 147 67.25 38.92 -23.60
C ASP F 147 66.86 39.81 -24.78
N ASN F 148 65.79 40.58 -24.56
CA ASN F 148 65.29 41.55 -25.53
C ASN F 148 64.80 40.89 -26.81
N ALA F 149 64.47 39.60 -26.74
CA ALA F 149 63.92 38.87 -27.87
C ALA F 149 62.49 38.52 -27.51
N LEU F 150 61.55 38.93 -28.35
CA LEU F 150 60.14 38.69 -28.09
C LEU F 150 59.87 37.19 -28.21
N GLN F 151 59.32 36.61 -27.16
CA GLN F 151 59.01 35.18 -27.13
C GLN F 151 57.58 34.96 -27.58
N SER F 152 57.35 33.91 -28.35
CA SER F 152 56.01 33.64 -28.84
C SER F 152 55.81 32.14 -29.00
N GLY F 153 54.69 31.65 -28.47
CA GLY F 153 54.29 30.28 -28.61
C GLY F 153 54.47 29.42 -27.38
N ASN F 154 55.09 29.97 -26.33
CA ASN F 154 55.39 29.21 -25.12
C ASN F 154 54.80 29.87 -23.88
N SER F 155 53.69 30.57 -24.04
CA SER F 155 52.99 31.24 -22.95
C SER F 155 51.50 30.97 -23.05
N GLN F 156 50.84 30.92 -21.89
CA GLN F 156 49.41 30.73 -21.80
C GLN F 156 48.81 31.74 -20.85
N GLU F 157 47.68 32.31 -21.24
CA GLU F 157 47.00 33.35 -20.49
C GLU F 157 45.77 32.80 -19.78
N SER F 158 45.43 33.42 -18.65
CA SER F 158 44.20 33.11 -17.95
C SER F 158 43.56 34.39 -17.46
N VAL F 159 42.29 34.59 -17.79
CA VAL F 159 41.56 35.78 -17.37
C VAL F 159 40.37 35.33 -16.54
N THR F 160 40.14 36.02 -15.43
CA THR F 160 38.97 35.71 -14.63
C THR F 160 37.76 36.42 -15.21
N GLU F 161 36.57 35.93 -14.87
CA GLU F 161 35.37 36.66 -15.22
C GLU F 161 35.30 37.95 -14.42
N GLN F 162 34.47 38.87 -14.92
CA GLN F 162 34.39 40.20 -14.34
C GLN F 162 33.94 40.16 -12.90
N ASP F 163 34.63 40.92 -12.05
CA ASP F 163 34.36 40.91 -10.62
C ASP F 163 33.00 41.51 -10.30
N SER F 164 32.32 40.93 -9.32
CA SER F 164 30.97 41.34 -8.95
C SER F 164 30.95 42.61 -8.12
N LYS F 165 32.08 43.04 -7.56
CA LYS F 165 32.11 44.26 -6.77
C LYS F 165 32.56 45.43 -7.63
N ASP F 166 33.83 45.42 -8.06
CA ASP F 166 34.40 46.54 -8.79
C ASP F 166 34.42 46.35 -10.30
N SER F 167 33.90 45.25 -10.82
CA SER F 167 33.69 45.03 -12.25
C SER F 167 34.99 45.09 -13.06
N THR F 168 36.09 44.67 -12.48
CA THR F 168 37.38 44.63 -13.17
C THR F 168 37.76 43.19 -13.51
N TYR F 169 38.86 43.06 -14.25
CA TYR F 169 39.41 41.78 -14.67
C TYR F 169 40.83 41.65 -14.14
N SER F 170 41.29 40.41 -14.01
CA SER F 170 42.68 40.10 -13.74
C SER F 170 43.13 39.03 -14.73
N LEU F 171 44.38 39.12 -15.16
CA LEU F 171 44.92 38.21 -16.15
C LEU F 171 46.25 37.69 -15.66
N SER F 172 46.53 36.42 -15.94
CA SER F 172 47.82 35.83 -15.63
C SER F 172 48.39 35.17 -16.88
N SER F 173 49.68 35.37 -17.11
CA SER F 173 50.38 34.79 -18.24
C SER F 173 51.62 34.06 -17.77
N THR F 174 51.73 32.78 -18.14
CA THR F 174 52.80 31.91 -17.68
C THR F 174 53.65 31.51 -18.88
N LEU F 175 54.93 31.84 -18.83
CA LEU F 175 55.90 31.41 -19.82
C LEU F 175 56.57 30.14 -19.30
N THR F 176 56.49 29.06 -20.06
CA THR F 176 57.07 27.79 -19.64
C THR F 176 58.30 27.48 -20.47
N LEU F 177 59.43 27.29 -19.80
CA LEU F 177 60.69 26.98 -20.45
C LEU F 177 61.27 25.72 -19.82
N SER F 178 62.21 25.11 -20.53
CA SER F 178 62.97 24.05 -19.92
C SER F 178 64.02 24.65 -18.98
N LYS F 179 64.44 23.84 -18.00
CA LYS F 179 65.45 24.31 -17.06
C LYS F 179 66.73 24.70 -17.79
N ALA F 180 67.11 23.92 -18.80
CA ALA F 180 68.29 24.26 -19.59
C ALA F 180 68.10 25.58 -20.33
N ASP F 181 66.93 25.80 -20.94
CA ASP F 181 66.71 27.06 -21.65
C ASP F 181 66.65 28.23 -20.68
N TYR F 182 66.21 28.00 -19.44
CA TYR F 182 66.10 29.09 -18.48
C TYR F 182 67.46 29.57 -18.01
N GLU F 183 68.41 28.66 -17.82
CA GLU F 183 69.73 28.99 -17.30
C GLU F 183 70.68 29.57 -18.36
N LYS F 184 70.29 29.57 -19.62
CA LYS F 184 71.12 30.13 -20.69
C LYS F 184 70.73 31.56 -21.05
N HIS F 185 69.82 32.18 -20.33
CA HIS F 185 69.41 33.55 -20.62
C HIS F 185 69.31 34.30 -19.31
N LYS F 186 69.38 35.64 -19.39
CA LYS F 186 69.47 36.46 -18.19
C LYS F 186 68.22 37.28 -17.91
N VAL F 187 67.83 38.17 -18.82
CA VAL F 187 66.77 39.14 -18.54
C VAL F 187 65.42 38.57 -18.92
N TYR F 188 64.50 38.55 -17.96
CA TYR F 188 63.14 38.10 -18.19
C TYR F 188 62.17 39.22 -17.84
N ALA F 189 61.30 39.57 -18.79
CA ALA F 189 60.44 40.73 -18.67
C ALA F 189 59.11 40.46 -19.37
N CYS F 190 58.04 41.03 -18.84
CA CYS F 190 56.74 41.02 -19.50
C CYS F 190 56.23 42.44 -19.68
N GLU F 191 55.85 42.76 -20.92
CA GLU F 191 55.42 44.10 -21.33
C GLU F 191 53.91 44.15 -21.46
N VAL F 192 53.28 45.16 -20.84
CA VAL F 192 51.83 45.26 -20.81
C VAL F 192 51.41 46.49 -21.60
N THR F 193 50.44 46.31 -22.48
CA THR F 193 49.82 47.39 -23.23
C THR F 193 48.33 47.42 -22.92
N HIS F 194 47.86 48.56 -22.45
CA HIS F 194 46.46 48.67 -22.06
C HIS F 194 45.99 50.10 -22.28
N GLN F 195 44.66 50.25 -22.42
CA GLN F 195 44.09 51.58 -22.63
C GLN F 195 44.42 52.51 -21.48
N GLY F 196 44.45 51.99 -20.27
CA GLY F 196 44.74 52.79 -19.10
C GLY F 196 46.19 53.11 -18.91
N LEU F 197 47.07 52.63 -19.78
CA LEU F 197 48.50 52.90 -19.67
C LEU F 197 48.89 53.79 -20.85
N SER F 198 49.28 55.04 -20.55
CA SER F 198 49.74 55.94 -21.59
C SER F 198 50.99 55.43 -22.30
N SER F 199 51.75 54.57 -21.64
CA SER F 199 52.91 53.92 -22.20
C SER F 199 52.98 52.50 -21.67
N PRO F 200 53.56 51.57 -22.43
CA PRO F 200 53.73 50.20 -21.94
C PRO F 200 54.54 50.15 -20.66
N VAL F 201 54.18 49.20 -19.79
CA VAL F 201 54.82 49.00 -18.49
C VAL F 201 55.70 47.76 -18.60
N THR F 202 56.94 47.86 -18.13
CA THR F 202 57.93 46.79 -18.21
C THR F 202 58.31 46.35 -16.82
N LYS F 203 58.00 45.11 -16.48
CA LYS F 203 58.43 44.50 -15.23
C LYS F 203 59.45 43.43 -15.56
N SER F 204 60.64 43.55 -15.02
CA SER F 204 61.72 42.64 -15.38
C SER F 204 62.46 42.18 -14.14
N PHE F 205 63.19 41.08 -14.29
CA PHE F 205 64.10 40.60 -13.27
C PHE F 205 65.29 39.96 -13.96
N ASN F 206 66.40 39.89 -13.24
CA ASN F 206 67.59 39.20 -13.70
C ASN F 206 67.67 37.84 -13.01
N ARG F 207 67.89 36.79 -13.81
CA ARG F 207 68.02 35.45 -13.24
C ARG F 207 69.24 35.37 -12.34
N GLY F 208 69.07 34.80 -11.15
CA GLY F 208 70.15 34.62 -10.22
C GLY F 208 70.44 35.80 -9.31
N GLU F 209 69.78 36.94 -9.56
CA GLU F 209 69.96 38.15 -8.77
C GLU F 209 69.47 37.96 -7.34
C1 NAG G . 14.10 11.10 10.90
C2 NAG G . 15.01 11.62 12.03
C3 NAG G . 15.84 12.82 11.56
C4 NAG G . 16.58 12.48 10.29
C5 NAG G . 15.58 11.96 9.25
C6 NAG G . 16.28 11.52 7.99
C7 NAG G . 14.22 11.35 14.34
C8 NAG G . 13.30 11.95 15.37
N2 NAG G . 14.23 12.00 13.17
O3 NAG G . 16.72 13.18 12.60
O4 NAG G . 17.22 13.64 9.83
O5 NAG G . 14.89 10.84 9.76
O6 NAG G . 17.36 10.70 8.35
O7 NAG G . 14.91 10.36 14.56
C1 NAG H . 14.95 7.03 17.15
C2 NAG H . 14.96 6.88 18.67
C3 NAG H . 15.40 8.19 19.33
C4 NAG H . 16.74 8.64 18.77
C5 NAG H . 16.60 8.78 17.26
C6 NAG H . 17.89 9.21 16.58
C7 NAG H . 13.48 5.62 20.18
C8 NAG H . 12.06 5.27 20.55
N2 NAG H . 13.66 6.46 19.14
O3 NAG H . 15.50 7.97 20.71
O4 NAG H . 17.07 9.86 19.39
O5 NAG H . 16.20 7.53 16.71
O6 NAG H . 18.68 8.10 16.24
O7 NAG H . 14.42 5.16 20.81
C1 NAG I . -16.90 -6.87 -23.52
C2 NAG I . -17.41 -8.06 -22.68
C3 NAG I . -18.37 -8.93 -23.48
C4 NAG I . -19.48 -8.06 -24.07
C5 NAG I . -18.87 -6.91 -24.86
C6 NAG I . -19.94 -6.00 -25.40
C7 NAG I . -15.89 -8.93 -20.95
C8 NAG I . -14.72 -9.84 -20.72
N2 NAG I . -16.30 -8.86 -22.23
O3 NAG I . -18.87 -9.93 -22.62
O4 NAG I . -20.28 -8.88 -24.91
O5 NAG I . -18.01 -6.15 -24.02
O6 NAG I . -20.83 -5.70 -24.35
O7 NAG I . -16.42 -8.29 -20.05
C1 NAG J . -14.73 -7.24 -16.42
C2 NAG J . -14.08 -7.97 -15.23
C3 NAG J . -14.37 -9.47 -15.30
C4 NAG J . -15.86 -9.74 -15.42
C5 NAG J . -16.39 -8.99 -16.63
C6 NAG J . -17.88 -9.18 -16.80
C7 NAG J . -11.99 -7.52 -14.02
C8 NAG J . -10.51 -7.23 -14.10
N2 NAG J . -12.67 -7.68 -15.17
O3 NAG J . -13.87 -10.09 -14.15
O4 NAG J . -16.06 -11.12 -15.54
O5 NAG J . -16.09 -7.61 -16.49
O6 NAG J . -18.62 -8.22 -16.08
O7 NAG J . -12.54 -7.58 -12.94
#